data_1KJ3
#
_entry.id   1KJ3
#
_cell.length_a   66.240
_cell.length_b   90.630
_cell.length_c   89.580
_cell.angle_alpha   90.00
_cell.angle_beta   111.51
_cell.angle_gamma   90.00
#
_symmetry.space_group_name_H-M   'P 1 21 1'
#
loop_
_entity.id
_entity.type
_entity.pdbx_description
1 polymer 'H-2KB MHC CLASS I MOLECULE ALPHA CHAIN'
2 polymer 'NATURALLY PROCESSED OCTAPEPTIDE PKB1'
3 polymer 'BETA-2 MICROGLOBULIN'
4 water water
#
loop_
_entity_poly.entity_id
_entity_poly.type
_entity_poly.pdbx_seq_one_letter_code
_entity_poly.pdbx_strand_id
1 'polypeptide(L)'
;MGPHSLRYFVTAVSRPGLGEPRYMEVGYVDDTEFVRFDSDAENPRYEPRARWMEQEGPEYWERETQKAKGNEQSFRVDLR
TLLGYYNQSKGGSHTIQVISGCEVGSDGRLLRGYQQYAYDGCDYIALNEDLKTWTAADMAALITKHKWEQAGEAERLRAY
LEGTCVEWLRRYLKNGNATLLRTDSPKAHVTHHSRPEDKVTLRCWALGFYPADITLTWQLNGEELIQDMELVETRPAGDG
TFQKWASVVVPLGKEQYYTCHVYHQGLPEPLTLRWEPPP
;
H,I
2 'polypeptide(L)' KVITFIDL P,Q
3 'polypeptide(L)'
;IQKTPQIQVYSRHPPENGKPNILNCYVTQFHPPHIEIQMLKNGKKIPKVEMSDMSFSKDWSFYILAHTEFTPTETDTYAC
RVKHDSMAEPKTVYWDRDM
;
L,M
#
# COMPACT_ATOMS: atom_id res chain seq x y z
N MET A 1 23.15 -22.31 15.57
CA MET A 1 23.76 -22.74 16.92
C MET A 1 24.13 -21.41 17.59
N GLY A 2 23.90 -20.40 16.76
CA GLY A 2 24.08 -18.99 17.10
C GLY A 2 22.73 -18.59 17.73
N PRO A 3 21.97 -17.80 17.01
CA PRO A 3 20.65 -17.37 17.47
C PRO A 3 19.70 -18.56 17.38
N HIS A 4 18.81 -18.70 18.36
CA HIS A 4 17.83 -19.78 18.36
C HIS A 4 16.50 -19.18 18.78
N SER A 5 15.41 -19.91 18.59
CA SER A 5 14.12 -19.35 18.98
C SER A 5 13.15 -20.46 19.39
N LEU A 6 12.24 -20.07 20.28
CA LEU A 6 11.17 -20.96 20.72
C LEU A 6 9.88 -20.14 20.60
N ARG A 7 8.99 -20.53 19.70
CA ARG A 7 7.77 -19.75 19.52
C ARG A 7 6.51 -20.62 19.45
N TYR A 8 5.40 -20.06 19.93
CA TYR A 8 4.09 -20.64 19.88
C TYR A 8 3.15 -19.81 19.00
N PHE A 9 2.57 -20.46 18.01
CA PHE A 9 1.65 -19.86 17.07
C PHE A 9 0.24 -20.36 17.42
N VAL A 10 -0.55 -19.50 18.05
CA VAL A 10 -1.88 -19.84 18.52
C VAL A 10 -2.99 -19.36 17.60
N THR A 11 -4.03 -20.20 17.44
CA THR A 11 -5.17 -19.83 16.61
C THR A 11 -6.49 -20.15 17.30
N ALA A 12 -7.37 -19.17 17.35
CA ALA A 12 -8.73 -19.34 17.88
C ALA A 12 -9.73 -18.82 16.84
N VAL A 13 -10.56 -19.69 16.27
CA VAL A 13 -11.54 -19.25 15.29
C VAL A 13 -12.95 -19.66 15.64
N SER A 14 -13.82 -18.64 15.72
CA SER A 14 -15.23 -18.86 16.03
C SER A 14 -15.93 -19.55 14.88
N ARG A 15 -16.92 -20.38 15.18
CA ARG A 15 -17.67 -21.13 14.18
C ARG A 15 -19.15 -21.17 14.58
N PRO A 16 -19.78 -20.00 14.60
CA PRO A 16 -21.15 -19.85 15.01
C PRO A 16 -22.05 -20.70 14.13
N GLY A 17 -22.87 -21.52 14.78
CA GLY A 17 -23.80 -22.38 14.06
C GLY A 17 -23.26 -23.74 13.73
N LEU A 18 -21.97 -23.95 13.81
CA LEU A 18 -21.34 -25.22 13.51
C LEU A 18 -20.70 -25.89 14.72
N GLY A 19 -20.60 -25.18 15.84
CA GLY A 19 -19.99 -25.79 17.02
C GLY A 19 -19.12 -24.81 17.78
N GLU A 20 -18.33 -25.35 18.70
CA GLU A 20 -17.41 -24.56 19.50
C GLU A 20 -16.23 -24.09 18.65
N PRO A 21 -15.61 -23.02 19.11
CA PRO A 21 -14.45 -22.44 18.47
C PRO A 21 -13.35 -23.50 18.32
N ARG A 22 -12.63 -23.38 17.21
CA ARG A 22 -11.50 -24.27 16.91
C ARG A 22 -10.29 -23.59 17.55
N TYR A 23 -9.54 -24.30 18.38
CA TYR A 23 -8.39 -23.73 19.08
C TYR A 23 -7.15 -24.56 18.80
N MET A 24 -6.04 -23.91 18.47
CA MET A 24 -4.81 -24.64 18.18
C MET A 24 -3.62 -23.89 18.77
N GLU A 25 -2.67 -24.67 19.27
CA GLU A 25 -1.40 -24.13 19.76
C GLU A 25 -0.32 -24.92 19.01
N VAL A 26 0.63 -24.25 18.37
CA VAL A 26 1.69 -24.94 17.64
C VAL A 26 3.03 -24.31 18.05
N GLY A 27 3.95 -25.16 18.49
CA GLY A 27 5.24 -24.65 18.96
C GLY A 27 6.34 -24.93 17.97
N TYR A 28 7.28 -23.99 17.87
CA TYR A 28 8.41 -24.07 16.97
C TYR A 28 9.74 -23.82 17.68
N VAL A 29 10.68 -24.68 17.36
CA VAL A 29 12.07 -24.56 17.80
C VAL A 29 12.86 -24.26 16.52
N ASP A 30 13.43 -23.06 16.42
CA ASP A 30 14.16 -22.72 15.19
C ASP A 30 13.28 -22.94 13.98
N ASP A 31 12.06 -22.43 14.02
CA ASP A 31 11.09 -22.56 12.96
C ASP A 31 10.73 -24.00 12.65
N THR A 32 10.91 -24.91 13.57
CA THR A 32 10.57 -26.32 13.31
C THR A 32 9.44 -26.72 14.25
N GLU A 33 8.31 -27.16 13.70
CA GLU A 33 7.20 -27.56 14.57
C GLU A 33 7.64 -28.71 15.48
N PHE A 34 7.47 -28.56 16.79
CA PHE A 34 7.87 -29.63 17.71
C PHE A 34 6.69 -30.15 18.52
N VAL A 35 5.65 -29.34 18.75
CA VAL A 35 4.47 -29.73 19.49
C VAL A 35 3.21 -29.06 18.93
N ARG A 36 2.07 -29.70 19.16
CA ARG A 36 0.81 -29.16 18.66
C ARG A 36 -0.38 -29.59 19.52
N PHE A 37 -1.25 -28.65 19.86
CA PHE A 37 -2.50 -28.96 20.52
C PHE A 37 -3.62 -28.61 19.51
N ASP A 38 -4.54 -29.52 19.29
CA ASP A 38 -5.67 -29.20 18.40
C ASP A 38 -6.95 -29.57 19.13
N SER A 39 -7.81 -28.61 19.41
CA SER A 39 -9.05 -28.85 20.14
C SER A 39 -10.09 -29.61 19.33
N ASP A 40 -9.94 -29.72 18.03
CA ASP A 40 -10.89 -30.42 17.20
C ASP A 40 -10.57 -31.89 17.07
N ALA A 41 -10.38 -32.58 18.19
CA ALA A 41 -10.06 -34.00 18.16
C ALA A 41 -10.66 -34.65 19.40
N GLU A 42 -10.72 -35.97 19.39
CA GLU A 42 -11.23 -36.80 20.45
C GLU A 42 -11.47 -36.11 21.78
N ASN A 43 -10.44 -36.22 22.58
CA ASN A 43 -10.14 -35.72 23.90
C ASN A 43 -8.75 -35.10 23.64
N PRO A 44 -8.77 -33.84 23.25
CA PRO A 44 -7.61 -33.10 22.81
C PRO A 44 -6.44 -33.13 23.74
N ARG A 45 -5.26 -33.49 23.23
CA ARG A 45 -4.06 -33.53 24.08
C ARG A 45 -2.87 -32.89 23.38
N TYR A 46 -1.91 -32.37 24.17
CA TYR A 46 -0.71 -31.80 23.52
C TYR A 46 0.03 -33.00 22.94
N GLU A 47 0.62 -32.88 21.75
CA GLU A 47 1.32 -34.01 21.13
C GLU A 47 2.68 -33.61 20.55
N PRO A 48 3.60 -34.55 20.58
CA PRO A 48 4.94 -34.40 20.03
C PRO A 48 4.84 -34.40 18.50
N ARG A 49 5.55 -33.47 17.87
CA ARG A 49 5.53 -33.37 16.41
C ARG A 49 6.90 -33.71 15.85
N ALA A 50 7.82 -34.02 16.75
CA ALA A 50 9.19 -34.41 16.45
C ALA A 50 9.56 -35.53 17.41
N ARG A 51 10.06 -36.66 16.91
CA ARG A 51 10.44 -37.78 17.75
C ARG A 51 11.32 -37.47 18.93
N TRP A 52 12.20 -36.48 18.89
CA TRP A 52 13.03 -36.13 20.03
C TRP A 52 12.26 -35.55 21.20
N MET A 53 10.98 -35.20 21.02
CA MET A 53 10.18 -34.66 22.11
C MET A 53 9.62 -35.80 22.95
N GLU A 54 9.62 -37.01 22.42
CA GLU A 54 9.09 -38.18 23.10
C GLU A 54 9.82 -38.56 24.37
N GLN A 55 10.97 -37.99 24.60
CA GLN A 55 11.82 -38.14 25.76
C GLN A 55 11.17 -37.50 26.98
N GLU A 56 10.40 -36.43 26.76
CA GLU A 56 9.71 -35.78 27.88
C GLU A 56 8.66 -36.81 28.32
N GLY A 57 8.49 -36.98 29.62
CA GLY A 57 7.57 -37.93 30.16
C GLY A 57 6.16 -37.44 30.38
N PRO A 58 5.31 -38.38 30.76
CA PRO A 58 3.90 -38.21 31.04
C PRO A 58 3.57 -36.91 31.74
N GLU A 59 4.28 -36.57 32.79
CA GLU A 59 4.02 -35.31 33.49
C GLU A 59 3.92 -34.17 32.47
N TYR A 60 5.00 -33.88 31.77
CA TYR A 60 5.07 -32.85 30.76
C TYR A 60 3.83 -32.71 29.89
N TRP A 61 3.43 -33.78 29.23
CA TRP A 61 2.29 -33.79 28.34
C TRP A 61 0.99 -33.45 29.04
N GLU A 62 0.77 -34.04 30.21
CA GLU A 62 -0.44 -33.79 31.00
C GLU A 62 -0.51 -32.33 31.42
N ARG A 63 0.61 -31.76 31.85
CA ARG A 63 0.58 -30.36 32.28
C ARG A 63 0.42 -29.43 31.08
N GLU A 64 1.01 -29.79 29.94
CA GLU A 64 0.88 -28.93 28.76
C GLU A 64 -0.54 -29.01 28.20
N THR A 65 -1.17 -30.17 28.29
CA THR A 65 -2.55 -30.36 27.84
C THR A 65 -3.53 -29.52 28.66
N GLN A 66 -3.36 -29.60 29.97
CA GLN A 66 -4.22 -28.87 30.90
C GLN A 66 -4.12 -27.38 30.64
N LYS A 67 -2.89 -26.89 30.51
CA LYS A 67 -2.70 -25.47 30.19
C LYS A 67 -3.37 -25.13 28.85
N ALA A 68 -3.20 -25.98 27.84
CA ALA A 68 -3.83 -25.72 26.54
C ALA A 68 -5.34 -25.63 26.68
N LYS A 69 -5.95 -26.50 27.49
CA LYS A 69 -7.41 -26.43 27.65
C LYS A 69 -7.80 -25.14 28.34
N GLY A 70 -6.99 -24.67 29.27
CA GLY A 70 -7.25 -23.40 29.97
C GLY A 70 -7.09 -22.24 29.00
N ASN A 71 -6.05 -22.29 28.17
CA ASN A 71 -5.82 -21.26 27.15
C ASN A 71 -7.03 -21.19 26.20
N GLU A 72 -7.54 -22.36 25.82
CA GLU A 72 -8.71 -22.45 24.95
C GLU A 72 -9.90 -21.68 25.52
N GLN A 73 -10.12 -21.83 26.82
CA GLN A 73 -11.20 -21.12 27.50
C GLN A 73 -10.98 -19.62 27.45
N SER A 74 -9.74 -19.18 27.68
CA SER A 74 -9.41 -17.78 27.65
C SER A 74 -9.67 -17.15 26.29
N PHE A 75 -9.40 -17.91 25.23
CA PHE A 75 -9.62 -17.42 23.87
C PHE A 75 -11.09 -17.39 23.49
N ARG A 76 -11.87 -18.31 24.07
CA ARG A 76 -13.31 -18.29 23.88
C ARG A 76 -13.88 -16.99 24.48
N VAL A 77 -13.38 -16.60 25.65
CA VAL A 77 -13.79 -15.34 26.26
C VAL A 77 -13.34 -14.17 25.38
N ASP A 78 -12.11 -14.21 24.88
CA ASP A 78 -11.60 -13.15 24.00
C ASP A 78 -12.46 -12.93 22.77
N LEU A 79 -12.89 -14.01 22.11
CA LEU A 79 -13.74 -13.86 20.93
C LEU A 79 -15.01 -13.10 21.28
N ARG A 80 -15.61 -13.40 22.44
CA ARG A 80 -16.81 -12.70 22.87
C ARG A 80 -16.55 -11.23 23.15
N THR A 81 -15.50 -10.95 23.89
CA THR A 81 -15.10 -9.58 24.19
C THR A 81 -14.86 -8.73 22.95
N LEU A 82 -14.21 -9.25 21.92
CA LEU A 82 -13.95 -8.50 20.71
C LEU A 82 -15.18 -8.21 19.89
N LEU A 83 -16.25 -9.01 20.03
CA LEU A 83 -17.50 -8.68 19.34
C LEU A 83 -18.02 -7.37 19.94
N GLY A 84 -17.88 -7.27 21.26
CA GLY A 84 -18.27 -6.08 21.99
C GLY A 84 -17.40 -4.89 21.60
N TYR A 85 -16.07 -5.03 21.67
CA TYR A 85 -15.20 -3.93 21.29
C TYR A 85 -15.50 -3.39 19.90
N TYR A 86 -15.69 -4.27 18.93
CA TYR A 86 -15.95 -3.90 17.56
C TYR A 86 -17.43 -3.90 17.18
N ASN A 87 -18.33 -4.07 18.13
CA ASN A 87 -19.76 -4.09 17.82
C ASN A 87 -20.05 -5.01 16.64
N GLN A 88 -19.67 -6.29 16.79
CA GLN A 88 -19.91 -7.23 15.70
C GLN A 88 -20.95 -8.26 16.09
N SER A 89 -21.61 -8.80 15.09
CA SER A 89 -22.65 -9.79 15.32
C SER A 89 -22.14 -11.12 15.88
N LYS A 90 -23.03 -11.83 16.58
CA LYS A 90 -22.68 -13.11 17.14
C LYS A 90 -22.69 -14.21 16.10
N GLY A 91 -23.23 -13.95 14.93
CA GLY A 91 -23.31 -14.90 13.86
C GLY A 91 -22.14 -15.03 12.93
N GLY A 92 -21.17 -14.12 12.93
CA GLY A 92 -20.04 -14.20 12.01
C GLY A 92 -18.86 -14.93 12.61
N SER A 93 -18.03 -15.51 11.74
CA SER A 93 -16.84 -16.23 12.16
C SER A 93 -15.67 -15.26 12.24
N HIS A 94 -14.87 -15.29 13.30
CA HIS A 94 -13.75 -14.36 13.44
C HIS A 94 -12.52 -15.11 13.93
N THR A 95 -11.33 -14.56 13.69
CA THR A 95 -10.08 -15.21 14.05
C THR A 95 -9.18 -14.38 14.95
N ILE A 96 -8.63 -15.02 16.00
CA ILE A 96 -7.65 -14.39 16.86
C ILE A 96 -6.34 -15.20 16.72
N GLN A 97 -5.25 -14.53 16.47
CA GLN A 97 -3.95 -15.22 16.37
C GLN A 97 -2.93 -14.54 17.29
N VAL A 98 -2.01 -15.33 17.82
CA VAL A 98 -0.97 -14.85 18.71
C VAL A 98 0.35 -15.50 18.26
N ILE A 99 1.44 -14.78 18.43
CA ILE A 99 2.80 -15.26 18.25
C ILE A 99 3.48 -14.84 19.58
N SER A 100 3.94 -15.86 20.30
CA SER A 100 4.52 -15.62 21.62
C SER A 100 5.78 -16.43 21.78
N GLY A 101 6.86 -15.81 22.26
CA GLY A 101 8.08 -16.57 22.41
C GLY A 101 9.33 -15.73 22.57
N CYS A 102 10.46 -16.41 22.34
CA CYS A 102 11.74 -15.76 22.58
C CYS A 102 12.80 -16.26 21.62
N GLU A 103 13.84 -15.45 21.48
CA GLU A 103 15.03 -15.79 20.71
C GLU A 103 16.24 -15.46 21.58
N VAL A 104 17.16 -16.41 21.59
CA VAL A 104 18.38 -16.34 22.37
C VAL A 104 19.60 -16.26 21.43
N GLY A 105 20.74 -16.06 22.06
CA GLY A 105 22.00 -16.00 21.28
C GLY A 105 22.73 -17.33 21.48
N SER A 106 23.92 -17.44 20.91
CA SER A 106 24.73 -18.64 21.06
C SER A 106 25.11 -18.89 22.52
N ASP A 107 25.15 -17.84 23.32
CA ASP A 107 25.49 -17.90 24.72
C ASP A 107 24.32 -18.29 25.60
N GLY A 108 23.16 -18.51 25.01
CA GLY A 108 21.95 -18.92 25.71
C GLY A 108 21.16 -17.74 26.23
N ARG A 109 21.67 -16.53 26.07
CA ARG A 109 21.03 -15.33 26.57
C ARG A 109 19.94 -14.80 25.67
N LEU A 110 18.89 -14.25 26.28
CA LEU A 110 17.75 -13.72 25.57
C LEU A 110 18.12 -12.56 24.64
N LEU A 111 17.78 -12.72 23.36
CA LEU A 111 18.05 -11.68 22.38
C LEU A 111 16.77 -10.86 22.14
N ARG A 112 15.63 -11.56 22.11
CA ARG A 112 14.38 -10.83 21.85
C ARG A 112 13.15 -11.62 22.28
N GLY A 113 12.17 -10.92 22.83
CA GLY A 113 10.94 -11.57 23.29
C GLY A 113 9.73 -11.13 22.49
N TYR A 114 8.80 -12.06 22.23
CA TYR A 114 7.62 -11.79 21.45
C TYR A 114 6.31 -12.16 22.14
N GLN A 115 5.33 -11.30 22.02
CA GLN A 115 3.96 -11.47 22.46
C GLN A 115 3.09 -10.55 21.59
N GLN A 116 2.66 -11.07 20.44
CA GLN A 116 1.86 -10.27 19.51
C GLN A 116 0.53 -10.88 19.16
N TYR A 117 -0.52 -10.06 19.20
CA TYR A 117 -1.86 -10.54 18.89
C TYR A 117 -2.44 -9.96 17.60
N ALA A 118 -3.33 -10.74 16.99
CA ALA A 118 -4.00 -10.28 15.78
C ALA A 118 -5.47 -10.68 15.76
N TYR A 119 -6.28 -9.80 15.17
CA TYR A 119 -7.71 -10.08 15.04
C TYR A 119 -8.03 -10.03 13.56
N ASP A 120 -8.71 -11.02 13.02
CA ASP A 120 -9.06 -11.06 11.61
C ASP A 120 -7.96 -10.68 10.65
N GLY A 121 -6.74 -11.21 10.82
CA GLY A 121 -5.63 -10.93 9.94
C GLY A 121 -4.87 -9.67 10.19
N CYS A 122 -5.32 -8.77 11.04
CA CYS A 122 -4.60 -7.52 11.30
C CYS A 122 -4.03 -7.47 12.72
N ASP A 123 -2.90 -6.77 12.83
CA ASP A 123 -2.29 -6.60 14.14
C ASP A 123 -3.30 -5.98 15.11
N TYR A 124 -3.28 -6.42 16.35
CA TYR A 124 -4.17 -5.91 17.37
C TYR A 124 -3.34 -5.20 18.44
N ILE A 125 -2.48 -5.96 19.11
CA ILE A 125 -1.62 -5.42 20.15
C ILE A 125 -0.34 -6.23 20.25
N ALA A 126 0.77 -5.57 20.56
CA ALA A 126 2.05 -6.26 20.61
C ALA A 126 2.92 -5.71 21.72
N LEU A 127 3.69 -6.59 22.33
CA LEU A 127 4.61 -6.17 23.40
C LEU A 127 5.89 -5.62 22.77
N ASN A 128 6.21 -4.37 23.04
CA ASN A 128 7.41 -3.76 22.47
C ASN A 128 8.69 -4.44 22.89
N GLU A 129 9.76 -4.12 22.18
CA GLU A 129 11.10 -4.64 22.37
C GLU A 129 11.63 -4.50 23.79
N ASP A 130 11.30 -3.39 24.45
CA ASP A 130 11.73 -3.13 25.81
C ASP A 130 11.10 -4.09 26.81
N LEU A 131 10.02 -4.78 26.43
CA LEU A 131 9.34 -5.72 27.28
C LEU A 131 8.64 -4.99 28.43
N LYS A 132 8.26 -3.73 28.20
CA LYS A 132 7.63 -2.91 29.20
C LYS A 132 6.42 -2.14 28.70
N THR A 133 6.41 -1.79 27.41
CA THR A 133 5.28 -1.04 26.85
C THR A 133 4.62 -1.85 25.73
N TRP A 134 3.38 -1.51 25.40
CA TRP A 134 2.60 -2.16 24.38
C TRP A 134 2.23 -1.23 23.22
N THR A 135 2.15 -1.81 22.02
CA THR A 135 1.75 -1.03 20.85
C THR A 135 0.35 -1.49 20.41
N ALA A 136 -0.63 -0.61 20.57
CA ALA A 136 -2.01 -0.88 20.18
C ALA A 136 -2.20 -0.49 18.71
N ALA A 137 -2.91 -1.31 17.95
CA ALA A 137 -3.09 -1.03 16.54
C ALA A 137 -4.33 -0.21 16.24
N ASP A 138 -5.35 -0.27 17.08
CA ASP A 138 -6.59 0.49 16.87
C ASP A 138 -7.21 0.85 18.21
N MET A 139 -8.37 1.50 18.18
CA MET A 139 -9.07 1.91 19.39
C MET A 139 -9.50 0.76 20.28
N ALA A 140 -9.88 -0.38 19.68
CA ALA A 140 -10.30 -1.53 20.50
C ALA A 140 -9.08 -2.01 21.29
N ALA A 141 -7.94 -2.08 20.59
CA ALA A 141 -6.68 -2.47 21.19
C ALA A 141 -6.25 -1.58 22.34
N LEU A 142 -6.68 -0.32 22.39
CA LEU A 142 -6.35 0.60 23.46
C LEU A 142 -7.00 0.17 24.78
N ILE A 143 -8.20 -0.43 24.65
CA ILE A 143 -8.91 -0.91 25.85
C ILE A 143 -8.05 -1.97 26.52
N THR A 144 -7.70 -3.01 25.77
CA THR A 144 -6.84 -4.07 26.32
C THR A 144 -5.57 -3.47 26.93
N LYS A 145 -4.93 -2.55 26.21
CA LYS A 145 -3.70 -1.91 26.61
C LYS A 145 -3.82 -1.24 27.97
N HIS A 146 -4.90 -0.47 28.16
CA HIS A 146 -5.07 0.17 29.46
C HIS A 146 -5.19 -0.95 30.51
N LYS A 147 -6.03 -1.94 30.20
CA LYS A 147 -6.26 -3.07 31.09
C LYS A 147 -4.97 -3.81 31.41
N TRP A 148 -4.14 -4.10 30.42
CA TRP A 148 -2.89 -4.81 30.62
C TRP A 148 -1.83 -3.97 31.28
N GLU A 149 -1.84 -2.66 31.06
CA GLU A 149 -0.86 -1.78 31.69
C GLU A 149 -1.15 -1.76 33.21
N GLN A 150 -2.44 -1.61 33.50
CA GLN A 150 -2.92 -1.58 34.87
C GLN A 150 -2.56 -2.86 35.61
N ALA A 151 -2.80 -4.03 35.02
CA ALA A 151 -2.47 -5.31 35.62
C ALA A 151 -0.99 -5.63 35.61
N GLY A 152 -0.15 -4.88 34.89
CA GLY A 152 1.27 -5.18 34.83
C GLY A 152 1.54 -6.45 34.03
N GLU A 153 0.82 -6.61 32.92
CA GLU A 153 0.99 -7.78 32.06
C GLU A 153 2.40 -7.83 31.48
N ALA A 154 2.94 -6.64 31.15
CA ALA A 154 4.29 -6.56 30.61
C ALA A 154 5.29 -7.24 31.53
N GLU A 155 5.17 -6.98 32.83
CA GLU A 155 6.07 -7.59 33.80
C GLU A 155 5.92 -9.11 33.83
N ARG A 156 4.68 -9.59 33.73
CA ARG A 156 4.43 -11.04 33.73
C ARG A 156 5.08 -11.68 32.50
N LEU A 157 5.06 -10.96 31.38
CA LEU A 157 5.66 -11.51 30.17
C LEU A 157 7.15 -11.53 30.19
N ARG A 158 7.75 -10.43 30.64
CA ARG A 158 9.20 -10.36 30.75
C ARG A 158 9.71 -11.47 31.67
N ALA A 159 8.96 -11.74 32.73
CA ALA A 159 9.33 -12.82 33.64
C ALA A 159 9.27 -14.17 32.92
N TYR A 160 8.22 -14.44 32.14
CA TYR A 160 8.15 -15.72 31.43
C TYR A 160 9.28 -15.82 30.41
N LEU A 161 9.47 -14.73 29.66
CA LEU A 161 10.49 -14.70 28.62
C LEU A 161 11.88 -14.94 29.18
N GLU A 162 12.36 -14.10 30.09
CA GLU A 162 13.69 -14.24 30.65
C GLU A 162 13.94 -15.53 31.40
N GLY A 163 12.93 -16.22 31.89
CA GLY A 163 13.10 -17.48 32.60
C GLY A 163 12.60 -18.68 31.83
N THR A 164 11.36 -19.09 32.06
CA THR A 164 10.73 -20.21 31.42
C THR A 164 10.99 -20.38 29.94
N CYS A 165 10.62 -19.40 29.11
CA CYS A 165 10.87 -19.53 27.68
C CYS A 165 12.34 -19.91 27.43
N VAL A 166 13.19 -19.01 27.89
CA VAL A 166 14.64 -19.15 27.77
C VAL A 166 15.13 -20.47 28.30
N GLU A 167 14.75 -20.87 29.50
CA GLU A 167 15.17 -22.14 30.07
C GLU A 167 14.64 -23.34 29.31
N TRP A 168 13.37 -23.30 28.94
CA TRP A 168 12.83 -24.45 28.20
C TRP A 168 13.44 -24.52 26.82
N LEU A 169 13.71 -23.40 26.16
CA LEU A 169 14.34 -23.48 24.83
C LEU A 169 15.67 -24.25 24.94
N ARG A 170 16.45 -23.94 25.98
CA ARG A 170 17.71 -24.63 26.19
C ARG A 170 17.42 -26.13 26.30
N ARG A 171 16.46 -26.49 27.14
CA ARG A 171 16.13 -27.92 27.24
C ARG A 171 15.85 -28.47 25.84
N TYR A 172 14.87 -27.88 25.15
CA TYR A 172 14.50 -28.34 23.83
C TYR A 172 15.70 -28.43 22.89
N LEU A 173 16.55 -27.41 22.87
CA LEU A 173 17.72 -27.40 22.03
C LEU A 173 18.73 -28.50 22.32
N LYS A 174 18.73 -29.09 23.49
CA LYS A 174 19.71 -30.13 23.77
C LYS A 174 19.17 -31.52 23.58
N ASN A 175 17.86 -31.60 23.29
CA ASN A 175 17.27 -32.90 22.96
C ASN A 175 17.07 -32.94 21.43
N GLY A 176 16.87 -31.76 20.84
CA GLY A 176 16.63 -31.65 19.42
C GLY A 176 17.78 -31.22 18.55
N ASN A 177 18.85 -30.77 19.16
CA ASN A 177 20.08 -30.32 18.59
C ASN A 177 20.51 -30.94 17.28
N ALA A 178 20.90 -32.20 17.31
CA ALA A 178 21.37 -32.95 16.17
C ALA A 178 20.35 -32.95 15.03
N THR A 179 19.10 -33.14 15.40
CA THR A 179 17.94 -33.18 14.53
C THR A 179 17.75 -31.83 13.85
N LEU A 180 17.80 -30.76 14.64
CA LEU A 180 17.64 -29.42 14.10
C LEU A 180 18.77 -28.98 13.19
N LEU A 181 19.95 -29.55 13.31
CA LEU A 181 21.09 -29.23 12.46
C LEU A 181 21.09 -29.98 11.14
N ARG A 182 20.11 -30.85 10.95
CA ARG A 182 19.92 -31.66 9.78
C ARG A 182 20.06 -30.86 8.48
N THR A 183 20.77 -31.47 7.53
CA THR A 183 20.97 -30.77 6.25
C THR A 183 20.82 -31.72 5.08
N ASP A 184 20.01 -31.33 4.11
CA ASP A 184 19.78 -32.13 2.91
C ASP A 184 20.11 -31.23 1.72
N SER A 185 21.25 -31.50 1.10
CA SER A 185 21.64 -30.67 -0.03
C SER A 185 20.80 -30.95 -1.26
N PRO A 186 20.60 -29.90 -2.04
CA PRO A 186 19.81 -29.93 -3.24
C PRO A 186 20.49 -30.69 -4.37
N LYS A 187 19.67 -31.29 -5.20
CA LYS A 187 20.12 -31.94 -6.43
C LYS A 187 19.54 -31.02 -7.53
N ALA A 188 20.42 -30.43 -8.33
CA ALA A 188 19.94 -29.50 -9.33
C ALA A 188 20.14 -30.01 -10.75
N HIS A 189 19.40 -29.46 -11.68
CA HIS A 189 19.50 -29.81 -13.10
C HIS A 189 18.80 -28.73 -13.92
N VAL A 190 19.13 -28.64 -15.20
CA VAL A 190 18.50 -27.64 -16.05
C VAL A 190 17.61 -28.27 -17.11
N THR A 191 16.40 -27.73 -17.26
CA THR A 191 15.50 -28.24 -18.31
C THR A 191 15.39 -27.17 -19.38
N HIS A 192 15.08 -27.58 -20.58
CA HIS A 192 14.98 -26.71 -21.74
C HIS A 192 13.61 -26.82 -22.39
N HIS A 193 12.97 -25.66 -22.53
CA HIS A 193 11.65 -25.57 -23.08
C HIS A 193 11.61 -24.59 -24.25
N SER A 194 10.70 -24.92 -25.16
CA SER A 194 10.51 -24.13 -26.36
C SER A 194 9.11 -24.36 -26.92
N ARG A 195 8.52 -23.27 -27.36
CA ARG A 195 7.21 -23.35 -28.09
C ARG A 195 7.69 -22.72 -29.40
N PRO A 196 7.55 -23.34 -30.54
CA PRO A 196 8.08 -22.86 -31.79
C PRO A 196 8.14 -21.36 -31.97
N GLU A 197 9.27 -20.77 -31.56
CA GLU A 197 9.59 -19.37 -31.66
C GLU A 197 11.14 -19.27 -31.64
N ASP A 198 11.68 -18.06 -31.67
CA ASP A 198 13.13 -17.90 -31.66
C ASP A 198 13.67 -17.64 -30.26
N LYS A 199 12.95 -18.10 -29.26
CA LYS A 199 13.31 -18.01 -27.87
C LYS A 199 13.12 -19.40 -27.23
N VAL A 200 13.91 -19.65 -26.20
CA VAL A 200 13.83 -20.85 -25.42
C VAL A 200 13.78 -20.44 -23.93
N THR A 201 13.23 -21.34 -23.13
CA THR A 201 13.15 -21.12 -21.69
C THR A 201 14.08 -22.16 -21.04
N LEU A 202 14.96 -21.66 -20.18
CA LEU A 202 15.87 -22.56 -19.45
C LEU A 202 15.37 -22.51 -18.00
N ARG A 203 15.10 -23.67 -17.43
CA ARG A 203 14.59 -23.75 -16.06
C ARG A 203 15.53 -24.55 -15.17
N CYS A 204 16.02 -23.88 -14.13
CA CYS A 204 16.94 -24.47 -13.18
C CYS A 204 16.17 -24.97 -11.95
N TRP A 205 16.31 -26.26 -11.69
CA TRP A 205 15.66 -26.96 -10.62
C TRP A 205 16.55 -27.33 -9.44
N ALA A 206 15.97 -27.26 -8.26
CA ALA A 206 16.64 -27.64 -7.02
C ALA A 206 15.64 -28.54 -6.29
N LEU A 207 16.00 -29.81 -6.18
CA LEU A 207 15.10 -30.77 -5.54
C LEU A 207 15.74 -31.40 -4.30
N GLY A 208 14.91 -32.00 -3.46
CA GLY A 208 15.30 -32.68 -2.27
C GLY A 208 16.09 -31.98 -1.21
N PHE A 209 15.95 -30.66 -1.02
CA PHE A 209 16.74 -30.00 -0.01
C PHE A 209 16.01 -29.67 1.28
N TYR A 210 16.83 -29.46 2.31
CA TYR A 210 16.42 -29.14 3.65
C TYR A 210 17.60 -28.50 4.41
N PRO A 211 17.34 -27.38 5.06
CA PRO A 211 16.06 -26.73 5.16
C PRO A 211 15.61 -26.00 3.92
N ALA A 212 14.49 -25.29 4.03
CA ALA A 212 13.87 -24.55 2.96
C ALA A 212 14.67 -23.40 2.39
N ASP A 213 15.44 -22.67 3.20
CA ASP A 213 16.20 -21.54 2.71
C ASP A 213 17.12 -21.94 1.57
N ILE A 214 17.04 -21.23 0.46
CA ILE A 214 17.87 -21.51 -0.72
C ILE A 214 17.78 -20.31 -1.65
N THR A 215 18.79 -20.15 -2.49
CA THR A 215 18.86 -19.07 -3.48
C THR A 215 19.22 -19.61 -4.85
N LEU A 216 18.43 -19.30 -5.86
CA LEU A 216 18.73 -19.74 -7.22
C LEU A 216 18.96 -18.48 -8.05
N THR A 217 20.03 -18.41 -8.83
CA THR A 217 20.21 -17.23 -9.69
C THR A 217 20.62 -17.69 -11.10
N TRP A 218 20.31 -16.85 -12.07
CA TRP A 218 20.70 -17.14 -13.45
C TRP A 218 21.72 -16.03 -13.79
N GLN A 219 22.84 -16.37 -14.40
CA GLN A 219 23.81 -15.33 -14.74
C GLN A 219 24.06 -15.28 -16.25
N LEU A 220 24.20 -14.06 -16.74
CA LEU A 220 24.53 -13.81 -18.13
C LEU A 220 25.97 -13.24 -18.04
N ASN A 221 26.88 -14.16 -18.32
CA ASN A 221 28.30 -13.88 -18.22
C ASN A 221 28.65 -13.04 -17.01
N GLY A 222 28.50 -13.60 -15.81
CA GLY A 222 28.82 -12.86 -14.60
C GLY A 222 27.78 -11.91 -14.10
N GLU A 223 26.76 -11.52 -14.87
CA GLU A 223 25.75 -10.60 -14.33
C GLU A 223 24.50 -11.36 -13.89
N GLU A 224 24.00 -11.12 -12.68
CA GLU A 224 22.80 -11.81 -12.22
C GLU A 224 21.56 -11.28 -12.93
N LEU A 225 20.73 -12.15 -13.47
CA LEU A 225 19.54 -11.71 -14.20
C LEU A 225 18.30 -11.69 -13.34
N ILE A 226 18.32 -10.92 -12.25
CA ILE A 226 17.19 -10.84 -11.34
C ILE A 226 15.96 -10.21 -11.98
N GLN A 227 16.14 -9.18 -12.79
CA GLN A 227 15.05 -8.51 -13.45
C GLN A 227 14.34 -9.34 -14.49
N ASP A 228 15.00 -10.25 -15.19
CA ASP A 228 14.28 -10.98 -16.25
C ASP A 228 14.01 -12.44 -15.93
N MET A 229 14.27 -12.83 -14.69
CA MET A 229 14.05 -14.23 -14.31
C MET A 229 12.72 -14.49 -13.67
N GLU A 230 12.17 -15.68 -13.94
CA GLU A 230 10.91 -16.10 -13.33
C GLU A 230 11.27 -17.12 -12.25
N LEU A 231 10.61 -17.05 -11.10
CA LEU A 231 10.93 -18.01 -10.05
C LEU A 231 9.77 -18.23 -9.10
N VAL A 232 9.61 -19.49 -8.68
CA VAL A 232 8.54 -19.88 -7.80
C VAL A 232 8.92 -19.78 -6.34
N GLU A 233 7.87 -19.72 -5.51
CA GLU A 233 8.11 -19.68 -4.05
C GLU A 233 8.54 -21.11 -3.67
N THR A 234 9.55 -21.24 -2.85
CA THR A 234 10.00 -22.56 -2.39
C THR A 234 8.80 -23.33 -1.85
N ARG A 235 8.71 -24.61 -2.22
CA ARG A 235 7.56 -25.40 -1.83
C ARG A 235 7.99 -26.76 -1.33
N PRO A 236 7.13 -27.32 -0.50
CA PRO A 236 7.33 -28.62 0.12
C PRO A 236 7.02 -29.75 -0.84
N ALA A 237 7.90 -30.73 -0.87
CA ALA A 237 7.69 -31.92 -1.69
C ALA A 237 6.63 -32.83 -1.07
N GLY A 238 6.48 -32.74 0.25
CA GLY A 238 5.48 -33.55 0.93
C GLY A 238 6.19 -34.70 1.65
N ASP A 239 7.49 -34.82 1.43
CA ASP A 239 8.24 -35.87 2.09
C ASP A 239 9.25 -35.30 3.07
N GLY A 240 9.10 -34.03 3.42
CA GLY A 240 10.01 -33.39 4.37
C GLY A 240 10.98 -32.45 3.68
N THR A 241 11.26 -32.68 2.40
CA THR A 241 12.17 -31.83 1.65
C THR A 241 11.39 -30.78 0.87
N PHE A 242 12.11 -29.82 0.30
CA PHE A 242 11.59 -28.70 -0.44
C PHE A 242 12.06 -28.66 -1.89
N GLN A 243 11.36 -27.86 -2.70
CA GLN A 243 11.65 -27.69 -4.10
C GLN A 243 11.60 -26.20 -4.50
N LYS A 244 12.27 -25.91 -5.62
CA LYS A 244 12.26 -24.55 -6.14
C LYS A 244 12.89 -24.54 -7.54
N TRP A 245 12.48 -23.56 -8.34
CA TRP A 245 13.00 -23.40 -9.69
C TRP A 245 13.05 -21.92 -10.07
N ALA A 246 13.95 -21.62 -10.98
CA ALA A 246 14.15 -20.30 -11.53
C ALA A 246 14.33 -20.49 -13.05
N SER A 247 13.60 -19.71 -13.84
CA SER A 247 13.74 -19.86 -15.28
C SER A 247 14.11 -18.52 -15.90
N VAL A 248 14.59 -18.63 -17.13
CA VAL A 248 15.01 -17.45 -17.89
C VAL A 248 14.69 -17.65 -19.35
N VAL A 249 14.28 -16.59 -20.06
CA VAL A 249 13.96 -16.74 -21.50
C VAL A 249 15.17 -16.26 -22.29
N VAL A 250 15.81 -17.11 -23.08
CA VAL A 250 17.00 -16.70 -23.83
C VAL A 250 16.82 -16.95 -25.33
N PRO A 251 17.59 -16.29 -26.16
CA PRO A 251 17.53 -16.46 -27.60
C PRO A 251 17.96 -17.86 -28.01
N LEU A 252 17.26 -18.38 -29.01
CA LEU A 252 17.58 -19.71 -29.53
C LEU A 252 19.03 -19.71 -30.01
N GLY A 253 19.81 -20.69 -29.57
CA GLY A 253 21.20 -20.80 -29.91
C GLY A 253 22.16 -20.20 -28.89
N LYS A 254 21.70 -19.44 -27.90
CA LYS A 254 22.59 -18.83 -26.93
C LYS A 254 22.51 -19.44 -25.53
N GLU A 255 22.00 -20.65 -25.42
CA GLU A 255 21.87 -21.37 -24.18
C GLU A 255 23.17 -21.50 -23.40
N GLN A 256 24.28 -21.69 -24.11
CA GLN A 256 25.57 -21.84 -23.46
C GLN A 256 26.17 -20.57 -22.91
N TYR A 257 25.51 -19.43 -23.03
CA TYR A 257 26.01 -18.20 -22.44
C TYR A 257 25.37 -17.96 -21.06
N TYR A 258 24.50 -18.84 -20.58
CA TYR A 258 23.85 -18.68 -19.31
C TYR A 258 24.19 -19.76 -18.29
N THR A 259 24.37 -19.35 -17.05
CA THR A 259 24.70 -20.26 -15.95
C THR A 259 23.75 -20.10 -14.77
N CYS A 260 23.38 -21.22 -14.17
CA CYS A 260 22.50 -21.18 -13.01
C CYS A 260 23.35 -21.44 -11.75
N HIS A 261 23.12 -20.65 -10.70
CA HIS A 261 23.84 -20.85 -9.45
C HIS A 261 22.87 -21.20 -8.32
N VAL A 262 23.21 -22.26 -7.60
CA VAL A 262 22.42 -22.74 -6.47
C VAL A 262 23.16 -22.57 -5.15
N TYR A 263 22.64 -21.72 -4.27
CA TYR A 263 23.25 -21.49 -2.97
C TYR A 263 22.43 -22.14 -1.85
N HIS A 264 23.06 -23.04 -1.09
CA HIS A 264 22.36 -23.71 0.02
C HIS A 264 23.35 -24.12 1.09
N GLN A 265 22.95 -24.02 2.36
CA GLN A 265 23.84 -24.36 3.46
C GLN A 265 24.40 -25.76 3.48
N GLY A 266 23.77 -26.74 2.83
CA GLY A 266 24.22 -28.11 2.79
C GLY A 266 25.28 -28.39 1.73
N LEU A 267 25.59 -27.40 0.92
CA LEU A 267 26.60 -27.56 -0.12
C LEU A 267 27.99 -27.14 0.38
N PRO A 268 29.00 -27.90 0.02
CA PRO A 268 30.39 -27.58 0.29
C PRO A 268 30.69 -26.22 -0.36
N GLU A 269 30.17 -26.05 -1.56
CA GLU A 269 30.25 -24.84 -2.35
C GLU A 269 29.03 -24.72 -3.27
N PRO A 270 28.67 -23.50 -3.62
CA PRO A 270 27.55 -23.22 -4.49
C PRO A 270 27.60 -24.07 -5.75
N LEU A 271 26.45 -24.45 -6.30
CA LEU A 271 26.44 -25.26 -7.51
C LEU A 271 26.39 -24.34 -8.73
N THR A 272 27.07 -24.75 -9.78
CA THR A 272 27.11 -24.00 -11.04
C THR A 272 26.65 -24.95 -12.14
N LEU A 273 25.63 -24.57 -12.91
CA LEU A 273 25.14 -25.43 -13.96
C LEU A 273 24.72 -24.64 -15.21
N ARG A 274 24.67 -25.38 -16.31
CA ARG A 274 24.29 -24.91 -17.62
C ARG A 274 23.42 -25.97 -18.33
N TRP A 275 22.73 -25.52 -19.38
CA TRP A 275 21.94 -26.44 -20.18
C TRP A 275 22.90 -27.41 -20.87
N GLU A 276 22.58 -28.67 -20.69
CA GLU A 276 23.29 -29.85 -21.10
C GLU A 276 22.42 -30.81 -21.89
N PRO A 277 22.33 -30.64 -23.20
CA PRO A 277 21.53 -31.51 -24.06
C PRO A 277 22.01 -32.95 -23.89
N PRO A 278 21.08 -33.86 -23.65
CA PRO A 278 21.34 -35.27 -23.42
C PRO A 278 22.13 -35.94 -24.53
N PRO A 279 22.76 -37.06 -23.93
CA PRO A 279 23.71 -37.73 -24.83
C PRO A 279 23.18 -37.87 -26.25
N LYS B 1 7.86 -24.43 26.61
CA LYS B 1 6.52 -24.43 27.29
C LYS B 1 5.82 -23.10 27.01
N VAL B 2 4.55 -23.23 26.63
CA VAL B 2 3.79 -22.03 26.26
C VAL B 2 3.36 -21.26 27.50
N ILE B 3 3.18 -19.96 27.33
CA ILE B 3 2.73 -19.12 28.43
C ILE B 3 1.21 -19.33 28.58
N THR B 4 0.68 -18.97 29.71
CA THR B 4 -0.76 -18.99 30.00
C THR B 4 -1.29 -17.63 29.56
N PHE B 5 -2.27 -17.61 28.67
CA PHE B 5 -2.82 -16.37 28.15
C PHE B 5 -3.90 -15.79 29.03
N ILE B 6 -3.93 -14.46 29.13
CA ILE B 6 -4.93 -13.76 29.93
C ILE B 6 -5.98 -13.12 29.02
N ASP B 7 -6.93 -12.37 29.53
CA ASP B 7 -7.97 -11.75 28.76
C ASP B 7 -7.69 -10.44 28.07
N LEU B 8 -8.23 -10.29 26.85
CA LEU B 8 -8.11 -9.06 26.08
C LEU B 8 -9.10 -8.02 26.62
N ILE C 1 -9.80 -7.53 7.15
CA ILE C 1 -8.93 -7.63 5.92
C ILE C 1 -8.72 -9.05 5.46
N GLN C 2 -9.22 -9.39 4.25
CA GLN C 2 -9.04 -10.75 3.75
C GLN C 2 -7.88 -10.89 2.78
N LYS C 3 -7.26 -12.07 2.74
CA LYS C 3 -6.15 -12.33 1.85
C LYS C 3 -6.45 -13.47 0.88
N THR C 4 -6.19 -13.22 -0.40
CA THR C 4 -6.39 -14.10 -1.52
C THR C 4 -5.32 -15.17 -1.63
N PRO C 5 -5.76 -16.41 -1.72
CA PRO C 5 -4.91 -17.57 -1.78
C PRO C 5 -3.95 -17.60 -2.96
N GLN C 6 -2.70 -17.97 -2.69
CA GLN C 6 -1.73 -18.13 -3.78
C GLN C 6 -1.63 -19.64 -3.97
N ILE C 7 -1.62 -20.17 -5.20
CA ILE C 7 -1.60 -21.62 -5.38
C ILE C 7 -0.52 -22.14 -6.31
N GLN C 8 0.04 -23.30 -6.00
CA GLN C 8 1.02 -23.96 -6.84
C GLN C 8 0.58 -25.43 -6.99
N VAL C 9 0.58 -25.96 -8.19
CA VAL C 9 0.21 -27.35 -8.45
C VAL C 9 1.45 -28.01 -9.09
N TYR C 10 1.91 -29.11 -8.53
CA TYR C 10 3.12 -29.80 -8.99
C TYR C 10 3.26 -31.19 -8.36
N SER C 11 4.13 -32.00 -8.94
CA SER C 11 4.35 -33.34 -8.41
C SER C 11 5.51 -33.42 -7.44
N ARG C 12 5.43 -34.43 -6.57
CA ARG C 12 6.51 -34.61 -5.60
C ARG C 12 7.78 -35.02 -6.34
N HIS C 13 7.61 -35.95 -7.26
CA HIS C 13 8.70 -36.47 -8.04
C HIS C 13 8.53 -36.01 -9.49
N PRO C 14 9.63 -36.08 -10.21
CA PRO C 14 9.69 -35.73 -11.63
C PRO C 14 8.72 -36.67 -12.35
N PRO C 15 7.80 -36.10 -13.10
CA PRO C 15 6.75 -36.84 -13.77
C PRO C 15 7.22 -37.84 -14.80
N GLU C 16 6.69 -39.04 -14.73
CA GLU C 16 7.00 -40.10 -15.68
C GLU C 16 5.69 -40.78 -16.06
N ASN C 17 5.38 -40.91 -17.34
CA ASN C 17 4.13 -41.55 -17.74
C ASN C 17 4.00 -42.99 -17.30
N GLY C 18 2.95 -43.33 -16.54
CA GLY C 18 2.77 -44.70 -16.11
C GLY C 18 3.55 -45.04 -14.86
N LYS C 19 4.09 -44.04 -14.18
CA LYS C 19 4.80 -44.30 -12.92
C LYS C 19 4.14 -43.50 -11.81
N PRO C 20 3.60 -44.20 -10.84
CA PRO C 20 2.92 -43.64 -9.69
C PRO C 20 3.72 -42.51 -9.05
N ASN C 21 3.03 -41.47 -8.63
CA ASN C 21 3.67 -40.28 -8.04
C ASN C 21 2.68 -39.65 -7.06
N ILE C 22 2.95 -38.44 -6.62
CA ILE C 22 2.08 -37.67 -5.76
C ILE C 22 1.86 -36.28 -6.40
N LEU C 23 0.60 -35.88 -6.48
CA LEU C 23 0.30 -34.54 -6.99
C LEU C 23 0.02 -33.62 -5.80
N ASN C 24 0.66 -32.46 -5.77
CA ASN C 24 0.46 -31.53 -4.70
C ASN C 24 -0.25 -30.23 -5.10
N CYS C 25 -1.01 -29.69 -4.15
CA CYS C 25 -1.68 -28.41 -4.31
C CYS C 25 -1.25 -27.56 -3.11
N TYR C 26 -0.34 -26.63 -3.29
CA TYR C 26 0.16 -25.83 -2.16
C TYR C 26 -0.52 -24.48 -2.11
N VAL C 27 -1.32 -24.26 -1.06
CA VAL C 27 -2.10 -23.04 -0.87
C VAL C 27 -1.58 -22.21 0.29
N THR C 28 -1.14 -21.00 -0.04
CA THR C 28 -0.56 -20.07 0.94
C THR C 28 -1.18 -18.68 0.85
N GLN C 29 -0.74 -17.81 1.74
CA GLN C 29 -1.14 -16.42 1.80
C GLN C 29 -2.60 -16.08 1.93
N PHE C 30 -3.44 -16.91 2.54
CA PHE C 30 -4.86 -16.59 2.66
C PHE C 30 -5.32 -16.33 4.08
N HIS C 31 -6.45 -15.65 4.22
CA HIS C 31 -7.09 -15.31 5.50
C HIS C 31 -8.49 -14.84 5.09
N PRO C 32 -9.52 -15.37 5.67
CA PRO C 32 -9.54 -16.29 6.79
C PRO C 32 -9.10 -17.71 6.50
N PRO C 33 -8.92 -18.49 7.57
CA PRO C 33 -8.48 -19.87 7.54
C PRO C 33 -9.38 -20.85 6.82
N HIS C 34 -10.68 -20.54 6.79
CA HIS C 34 -11.62 -21.43 6.14
C HIS C 34 -11.35 -21.48 4.64
N ILE C 35 -11.15 -22.70 4.13
CA ILE C 35 -10.87 -22.82 2.69
C ILE C 35 -11.35 -24.17 2.18
N GLU C 36 -11.67 -24.26 0.90
CA GLU C 36 -12.13 -25.50 0.29
C GLU C 36 -11.22 -25.78 -0.92
N ILE C 37 -10.55 -26.91 -0.88
CA ILE C 37 -9.61 -27.31 -1.91
C ILE C 37 -9.98 -28.63 -2.55
N GLN C 38 -10.13 -28.65 -3.88
CA GLN C 38 -10.46 -29.89 -4.56
C GLN C 38 -9.42 -30.16 -5.65
N MET C 39 -9.13 -31.43 -5.89
CA MET C 39 -8.18 -31.77 -6.96
C MET C 39 -9.00 -32.43 -8.06
N LEU C 40 -8.82 -31.98 -9.30
CA LEU C 40 -9.57 -32.47 -10.44
C LEU C 40 -8.77 -33.25 -11.47
N LYS C 41 -9.38 -34.31 -11.97
CA LYS C 41 -8.75 -35.13 -13.02
C LYS C 41 -9.64 -35.11 -14.25
N ASN C 42 -9.18 -34.42 -15.29
CA ASN C 42 -9.94 -34.28 -16.52
C ASN C 42 -11.29 -33.63 -16.22
N GLY C 43 -11.32 -32.61 -15.36
CA GLY C 43 -12.50 -31.90 -14.98
C GLY C 43 -13.32 -32.54 -13.87
N LYS C 44 -13.04 -33.77 -13.53
CA LYS C 44 -13.81 -34.49 -12.50
C LYS C 44 -13.05 -34.53 -11.18
N LYS C 45 -13.74 -34.20 -10.09
CA LYS C 45 -13.17 -34.20 -8.76
C LYS C 45 -12.54 -35.55 -8.43
N ILE C 46 -11.42 -35.49 -7.75
CA ILE C 46 -10.71 -36.69 -7.26
C ILE C 46 -11.13 -36.82 -5.79
N PRO C 47 -11.61 -37.98 -5.39
CA PRO C 47 -12.10 -38.28 -4.08
C PRO C 47 -11.11 -38.40 -2.95
N LYS C 48 -10.08 -39.23 -3.04
CA LYS C 48 -9.12 -39.36 -1.94
C LYS C 48 -8.06 -38.27 -1.99
N VAL C 49 -8.28 -37.16 -1.27
CA VAL C 49 -7.29 -36.07 -1.27
C VAL C 49 -6.88 -35.76 0.18
N GLU C 50 -5.65 -36.11 0.56
CA GLU C 50 -5.20 -35.84 1.92
C GLU C 50 -4.91 -34.35 2.09
N MET C 51 -5.15 -33.81 3.27
CA MET C 51 -4.89 -32.41 3.56
C MET C 51 -3.89 -32.34 4.71
N SER C 52 -2.87 -31.49 4.66
CA SER C 52 -1.95 -31.45 5.81
C SER C 52 -2.58 -30.56 6.89
N ASP C 53 -1.96 -30.49 8.06
CA ASP C 53 -2.45 -29.63 9.14
C ASP C 53 -2.28 -28.17 8.70
N MET C 54 -3.11 -27.29 9.26
CA MET C 54 -3.00 -25.90 8.85
C MET C 54 -2.04 -25.16 9.77
N SER C 55 -1.31 -24.23 9.17
CA SER C 55 -0.34 -23.39 9.87
C SER C 55 -0.49 -21.95 9.39
N PHE C 56 0.11 -21.04 10.12
CA PHE C 56 0.12 -19.63 9.72
C PHE C 56 1.55 -19.12 9.80
N SER C 57 1.84 -18.09 9.03
CA SER C 57 3.19 -17.54 8.99
C SER C 57 3.26 -16.19 9.69
N LYS C 58 4.44 -15.59 9.79
CA LYS C 58 4.73 -14.33 10.43
C LYS C 58 3.82 -13.18 10.05
N ASP C 59 3.29 -13.19 8.84
CA ASP C 59 2.39 -12.15 8.37
C ASP C 59 0.95 -12.49 8.68
N TRP C 60 0.67 -13.51 9.46
CA TRP C 60 -0.61 -13.99 9.90
C TRP C 60 -1.33 -14.85 8.87
N SER C 61 -0.89 -14.82 7.61
CA SER C 61 -1.56 -15.62 6.59
C SER C 61 -1.35 -17.11 6.84
N PHE C 62 -2.37 -17.88 6.50
CA PHE C 62 -2.40 -19.32 6.64
C PHE C 62 -1.85 -20.03 5.40
N TYR C 63 -1.44 -21.27 5.58
CA TYR C 63 -0.91 -22.09 4.52
C TYR C 63 -1.20 -23.57 4.82
N ILE C 64 -1.48 -24.31 3.75
CA ILE C 64 -1.81 -25.73 3.83
C ILE C 64 -1.38 -26.45 2.55
N LEU C 65 -1.11 -27.74 2.65
CA LEU C 65 -0.72 -28.55 1.51
C LEU C 65 -1.75 -29.67 1.32
N ALA C 66 -2.31 -29.74 0.13
CA ALA C 66 -3.27 -30.79 -0.22
C ALA C 66 -2.50 -31.70 -1.18
N HIS C 67 -2.70 -33.00 -1.10
CA HIS C 67 -2.00 -33.89 -2.03
C HIS C 67 -2.82 -35.15 -2.28
N THR C 68 -2.60 -35.78 -3.42
CA THR C 68 -3.32 -37.00 -3.77
C THR C 68 -2.39 -37.91 -4.57
N GLU C 69 -2.66 -39.21 -4.56
CA GLU C 69 -1.83 -40.14 -5.33
C GLU C 69 -2.25 -40.14 -6.79
N PHE C 70 -1.27 -40.26 -7.68
CA PHE C 70 -1.64 -40.29 -9.10
C PHE C 70 -0.53 -40.88 -9.95
N THR C 71 -0.95 -41.29 -11.13
CA THR C 71 -0.08 -41.88 -12.13
C THR C 71 -0.25 -41.05 -13.39
N PRO C 72 0.65 -40.12 -13.58
CA PRO C 72 0.65 -39.21 -14.71
C PRO C 72 0.60 -40.02 -16.00
N THR C 73 -0.05 -39.46 -17.00
CA THR C 73 -0.19 -40.03 -18.33
C THR C 73 0.07 -38.87 -19.32
N GLU C 74 0.27 -39.25 -20.57
CA GLU C 74 0.54 -38.25 -21.60
C GLU C 74 -0.60 -37.28 -21.74
N THR C 75 -1.84 -37.78 -21.71
CA THR C 75 -2.98 -36.92 -22.02
C THR C 75 -3.87 -36.52 -20.89
N ASP C 76 -3.71 -37.07 -19.69
CA ASP C 76 -4.59 -36.69 -18.58
C ASP C 76 -4.34 -35.28 -18.07
N THR C 77 -5.39 -34.49 -17.90
CA THR C 77 -5.21 -33.14 -17.37
C THR C 77 -5.49 -33.08 -15.87
N TYR C 78 -4.68 -32.34 -15.10
CA TYR C 78 -4.92 -32.25 -13.66
C TYR C 78 -5.02 -30.79 -13.25
N ALA C 79 -5.79 -30.54 -12.19
CA ALA C 79 -5.96 -29.19 -11.68
C ALA C 79 -6.34 -29.17 -10.21
N CYS C 80 -6.21 -27.98 -9.63
CA CYS C 80 -6.54 -27.75 -8.23
C CYS C 80 -7.55 -26.58 -8.21
N ARG C 81 -8.67 -26.76 -7.56
CA ARG C 81 -9.69 -25.71 -7.51
C ARG C 81 -9.84 -25.27 -6.05
N VAL C 82 -9.72 -23.97 -5.82
CA VAL C 82 -9.81 -23.42 -4.47
C VAL C 82 -10.99 -22.47 -4.30
N LYS C 83 -11.78 -22.69 -3.25
CA LYS C 83 -12.91 -21.80 -2.96
C LYS C 83 -12.52 -21.00 -1.70
N HIS C 84 -12.62 -19.68 -1.76
CA HIS C 84 -12.25 -18.88 -0.58
C HIS C 84 -13.00 -17.55 -0.58
N ASP C 85 -13.33 -17.04 0.59
CA ASP C 85 -14.05 -15.79 0.74
C ASP C 85 -13.46 -14.57 0.07
N SER C 86 -12.16 -14.46 -0.10
CA SER C 86 -11.52 -13.32 -0.71
C SER C 86 -11.76 -13.20 -2.21
N MET C 87 -12.27 -14.26 -2.84
CA MET C 87 -12.51 -14.35 -4.25
C MET C 87 -13.96 -14.52 -4.67
N ALA C 88 -14.36 -13.79 -5.70
CA ALA C 88 -15.71 -13.91 -6.24
C ALA C 88 -16.03 -15.35 -6.65
N GLU C 89 -15.21 -15.93 -7.53
CA GLU C 89 -15.43 -17.30 -7.97
C GLU C 89 -14.24 -18.16 -7.56
N PRO C 90 -14.44 -19.46 -7.55
CA PRO C 90 -13.44 -20.46 -7.24
C PRO C 90 -12.28 -20.33 -8.23
N LYS C 91 -11.05 -20.43 -7.75
CA LYS C 91 -9.90 -20.33 -8.61
C LYS C 91 -9.32 -21.70 -8.97
N THR C 92 -9.29 -22.02 -10.25
CA THR C 92 -8.76 -23.30 -10.71
C THR C 92 -7.36 -23.11 -11.28
N VAL C 93 -6.43 -23.94 -10.85
CA VAL C 93 -5.03 -23.83 -11.32
C VAL C 93 -4.67 -25.17 -11.97
N TYR C 94 -4.15 -25.13 -13.19
CA TYR C 94 -3.82 -26.37 -13.86
C TYR C 94 -2.40 -26.82 -13.63
N TRP C 95 -2.21 -28.13 -13.56
CA TRP C 95 -0.90 -28.71 -13.39
C TRP C 95 -0.07 -28.64 -14.69
N ASP C 96 1.12 -28.03 -14.58
CA ASP C 96 2.02 -28.01 -15.73
C ASP C 96 3.18 -28.94 -15.37
N ARG C 97 3.40 -29.97 -16.17
CA ARG C 97 4.47 -30.93 -15.93
C ARG C 97 5.84 -30.27 -15.81
N ASP C 98 6.08 -29.15 -16.47
CA ASP C 98 7.39 -28.54 -16.44
C ASP C 98 7.46 -27.44 -15.39
N MET C 99 6.51 -27.38 -14.47
CA MET C 99 6.49 -26.36 -13.45
C MET C 99 6.31 -26.83 -12.02
N GLY D 2 16.75 22.44 3.00
CA GLY D 2 16.02 23.63 2.54
C GLY D 2 14.79 23.82 3.41
N PRO D 3 14.01 24.84 3.12
CA PRO D 3 12.80 25.17 3.86
C PRO D 3 11.75 24.10 3.69
N HIS D 4 10.87 23.99 4.69
CA HIS D 4 9.79 23.03 4.68
C HIS D 4 8.52 23.68 5.21
N SER D 5 7.37 23.04 4.94
CA SER D 5 6.14 23.65 5.45
C SER D 5 5.06 22.61 5.70
N LEU D 6 4.22 22.93 6.67
CA LEU D 6 3.05 22.13 7.04
C LEU D 6 1.84 23.05 6.92
N ARG D 7 0.92 22.78 6.00
CA ARG D 7 -0.23 23.68 5.83
C ARG D 7 -1.53 22.89 5.74
N TYR D 8 -2.61 23.44 6.28
CA TYR D 8 -3.92 22.81 6.25
C TYR D 8 -4.87 23.70 5.43
N PHE D 9 -5.46 23.11 4.42
CA PHE D 9 -6.38 23.78 3.50
C PHE D 9 -7.78 23.31 3.85
N VAL D 10 -8.60 24.21 4.38
CA VAL D 10 -9.93 23.91 4.89
C VAL D 10 -11.03 24.53 4.04
N THR D 11 -12.08 23.74 3.82
CA THR D 11 -13.22 24.17 3.02
C THR D 11 -14.54 23.83 3.71
N ALA D 12 -15.42 24.82 3.78
CA ALA D 12 -16.75 24.68 4.34
C ALA D 12 -17.74 25.32 3.36
N VAL D 13 -18.64 24.51 2.81
CA VAL D 13 -19.59 25.07 1.85
C VAL D 13 -21.02 24.74 2.24
N SER D 14 -21.86 25.76 2.29
CA SER D 14 -23.26 25.53 2.63
C SER D 14 -24.01 24.95 1.43
N ARG D 15 -25.06 24.18 1.74
CA ARG D 15 -25.88 23.51 0.74
C ARG D 15 -27.35 23.59 1.18
N PRO D 16 -27.89 24.79 1.24
CA PRO D 16 -29.25 25.00 1.72
C PRO D 16 -30.20 24.11 0.95
N GLY D 17 -31.04 23.38 1.70
CA GLY D 17 -31.98 22.50 1.04
C GLY D 17 -31.42 21.11 0.84
N LEU D 18 -30.24 20.98 0.27
CA LEU D 18 -29.61 19.71 0.02
C LEU D 18 -29.00 19.04 1.22
N GLY D 19 -28.92 19.67 2.39
CA GLY D 19 -28.33 19.03 3.55
C GLY D 19 -27.37 19.91 4.34
N GLU D 20 -26.55 19.25 5.16
CA GLU D 20 -25.58 19.92 5.99
C GLU D 20 -24.41 20.38 5.14
N PRO D 21 -23.74 21.44 5.53
CA PRO D 21 -22.60 21.96 4.83
C PRO D 21 -21.54 20.87 4.64
N ARG D 22 -20.87 20.92 3.50
CA ARG D 22 -19.81 19.93 3.24
C ARG D 22 -18.56 20.51 3.94
N TYR D 23 -17.81 19.70 4.67
CA TYR D 23 -16.62 20.22 5.36
C TYR D 23 -15.39 19.36 5.09
N MET D 24 -14.28 19.99 4.71
CA MET D 24 -13.05 19.28 4.43
C MET D 24 -11.83 19.96 5.05
N GLU D 25 -10.90 19.14 5.48
CA GLU D 25 -9.60 19.53 5.96
C GLU D 25 -8.58 18.63 5.24
N VAL D 26 -7.60 19.28 4.62
CA VAL D 26 -6.56 18.59 3.87
C VAL D 26 -5.22 19.16 4.34
N GLY D 27 -4.33 18.26 4.73
CA GLY D 27 -3.01 18.68 5.20
C GLY D 27 -1.93 18.37 4.19
N TYR D 28 -0.92 19.26 4.13
CA TYR D 28 0.18 19.10 3.19
C TYR D 28 1.54 19.30 3.87
N VAL D 29 2.45 18.36 3.62
CA VAL D 29 3.84 18.51 4.07
C VAL D 29 4.62 18.87 2.80
N ASP D 30 5.21 20.04 2.73
CA ASP D 30 5.93 20.44 1.52
C ASP D 30 5.10 20.28 0.25
N ASP D 31 3.85 20.72 0.23
CA ASP D 31 2.99 20.64 -0.94
C ASP D 31 2.53 19.25 -1.32
N THR D 32 2.72 18.24 -0.48
CA THR D 32 2.27 16.87 -0.75
C THR D 32 1.16 16.55 0.24
N GLU D 33 0.01 16.13 -0.25
CA GLU D 33 -1.12 15.81 0.64
C GLU D 33 -0.79 14.60 1.51
N PHE D 34 -0.88 14.74 2.84
CA PHE D 34 -0.57 13.62 3.73
C PHE D 34 -1.73 13.14 4.57
N VAL D 35 -2.76 13.93 4.82
CA VAL D 35 -3.90 13.55 5.62
C VAL D 35 -5.15 14.27 5.07
N ARG D 36 -6.34 13.74 5.35
CA ARG D 36 -7.55 14.40 4.85
C ARG D 36 -8.75 14.01 5.71
N PHE D 37 -9.63 14.98 5.92
CA PHE D 37 -10.88 14.77 6.63
C PHE D 37 -11.98 15.25 5.67
N ASP D 38 -13.03 14.47 5.54
CA ASP D 38 -14.17 14.86 4.69
C ASP D 38 -15.47 14.52 5.39
N SER D 39 -16.34 15.50 5.62
CA SER D 39 -17.58 15.26 6.33
C SER D 39 -18.58 14.43 5.56
N ASP D 40 -18.45 14.30 4.24
CA ASP D 40 -19.36 13.50 3.45
C ASP D 40 -19.08 12.03 3.49
N ALA D 41 -19.08 11.48 4.69
CA ALA D 41 -18.86 10.10 5.07
C ALA D 41 -19.87 9.83 6.20
N GLU D 42 -20.15 8.59 6.48
CA GLU D 42 -21.13 8.16 7.48
C GLU D 42 -20.58 8.31 8.88
N ASN D 43 -19.28 8.09 8.98
CA ASN D 43 -18.48 8.23 10.18
C ASN D 43 -17.13 8.80 9.68
N PRO D 44 -17.14 10.10 9.45
CA PRO D 44 -15.99 10.84 8.98
C PRO D 44 -14.85 10.70 10.00
N ARG D 45 -13.65 10.52 9.50
CA ARG D 45 -12.45 10.34 10.31
C ARG D 45 -11.25 10.93 9.55
N TYR D 46 -10.23 11.41 10.25
CA TYR D 46 -9.05 11.86 9.50
C TYR D 46 -8.41 10.60 8.91
N GLU D 47 -7.89 10.64 7.71
CA GLU D 47 -7.24 9.48 7.09
C GLU D 47 -5.84 9.85 6.58
N PRO D 48 -4.98 8.87 6.58
CA PRO D 48 -3.63 8.98 6.03
C PRO D 48 -3.75 9.02 4.52
N ARG D 49 -2.98 9.85 3.85
CA ARG D 49 -3.03 9.94 2.39
C ARG D 49 -1.66 9.59 1.80
N ALA D 50 -0.79 9.08 2.64
CA ALA D 50 0.55 8.66 2.33
C ALA D 50 0.87 7.45 3.22
N ARG D 51 1.48 6.41 2.72
CA ARG D 51 1.82 5.24 3.52
C ARG D 51 2.65 5.55 4.75
N TRP D 52 3.53 6.55 4.70
CA TRP D 52 4.36 6.95 5.81
C TRP D 52 3.58 7.52 6.98
N MET D 53 2.32 7.90 6.80
CA MET D 53 1.54 8.42 7.93
C MET D 53 0.88 7.26 8.67
N GLU D 54 1.00 6.05 8.13
CA GLU D 54 0.40 4.88 8.76
C GLU D 54 1.05 4.53 10.07
N GLN D 55 2.28 4.94 10.31
CA GLN D 55 2.93 4.69 11.58
C GLN D 55 2.14 5.33 12.72
N GLU D 56 1.66 6.56 12.55
CA GLU D 56 0.90 7.23 13.61
C GLU D 56 -0.12 6.26 14.20
N GLY D 57 -0.20 6.27 15.53
CA GLY D 57 -1.09 5.39 16.25
C GLY D 57 -2.54 5.82 16.32
N PRO D 58 -3.37 4.96 16.89
CA PRO D 58 -4.79 5.16 17.06
C PRO D 58 -5.10 6.47 17.79
N GLU D 59 -4.31 6.79 18.79
CA GLU D 59 -4.48 8.02 19.52
C GLU D 59 -4.42 9.22 18.62
N TYR D 60 -3.43 9.28 17.75
CA TYR D 60 -3.28 10.40 16.82
C TYR D 60 -4.54 10.55 15.97
N TRP D 61 -4.93 9.48 15.28
CA TRP D 61 -6.11 9.56 14.43
C TRP D 61 -7.35 9.98 15.19
N GLU D 62 -7.55 9.46 16.38
CA GLU D 62 -8.67 9.79 17.23
C GLU D 62 -8.74 11.26 17.57
N ARG D 63 -7.62 11.86 18.00
CA ARG D 63 -7.60 13.25 18.38
C ARG D 63 -7.79 14.19 17.19
N GLU D 64 -7.21 13.83 16.05
CA GLU D 64 -7.37 14.67 14.86
C GLU D 64 -8.81 14.68 14.39
N THR D 65 -9.46 13.52 14.40
CA THR D 65 -10.86 13.39 14.02
C THR D 65 -11.77 14.24 14.92
N GLN D 66 -11.55 14.11 16.24
CA GLN D 66 -12.35 14.87 17.19
C GLN D 66 -12.23 16.36 16.97
N LYS D 67 -11.02 16.82 16.68
CA LYS D 67 -10.77 18.22 16.35
C LYS D 67 -11.46 18.62 15.05
N ALA D 68 -11.38 17.77 14.03
CA ALA D 68 -12.05 18.08 12.75
C ALA D 68 -13.55 18.23 12.96
N LYS D 69 -14.14 17.37 13.79
CA LYS D 69 -15.58 17.48 14.04
C LYS D 69 -15.90 18.75 14.80
N GLY D 70 -15.05 19.16 15.73
CA GLY D 70 -15.25 20.41 16.45
C GLY D 70 -15.07 21.59 15.49
N ASN D 71 -14.02 21.55 14.65
CA ASN D 71 -13.80 22.59 13.66
C ASN D 71 -15.00 22.68 12.69
N GLU D 72 -15.58 21.51 12.39
CA GLU D 72 -16.75 21.50 11.51
C GLU D 72 -17.86 22.37 12.10
N GLN D 73 -18.15 22.18 13.39
CA GLN D 73 -19.18 22.98 14.03
C GLN D 73 -18.83 24.46 13.95
N SER D 74 -17.57 24.79 14.21
CA SER D 74 -17.12 26.16 14.13
C SER D 74 -17.42 26.80 12.78
N PHE D 75 -17.25 26.10 11.68
CA PHE D 75 -17.52 26.64 10.35
C PHE D 75 -19.00 26.73 10.02
N ARG D 76 -19.81 25.83 10.60
CA ARG D 76 -21.26 25.91 10.42
C ARG D 76 -21.74 27.25 11.02
N VAL D 77 -21.24 27.52 12.22
CA VAL D 77 -21.57 28.77 12.91
C VAL D 77 -21.10 29.94 12.06
N ASP D 78 -19.84 29.93 11.63
CA ASP D 78 -19.30 30.98 10.78
C ASP D 78 -20.14 31.27 9.55
N LEU D 79 -20.58 30.23 8.85
CA LEU D 79 -21.42 30.39 7.67
C LEU D 79 -22.69 31.18 8.01
N ARG D 80 -23.36 30.86 9.13
CA ARG D 80 -24.55 31.60 9.53
C ARG D 80 -24.18 33.03 9.91
N THR D 81 -23.08 33.21 10.61
CA THR D 81 -22.59 34.51 11.02
C THR D 81 -22.33 35.45 9.85
N LEU D 82 -21.72 34.90 8.80
CA LEU D 82 -21.40 35.72 7.64
C LEU D 82 -22.64 36.12 6.87
N LEU D 83 -23.67 35.29 6.81
CA LEU D 83 -24.93 35.65 6.15
C LEU D 83 -25.45 36.97 6.75
N GLY D 84 -25.36 37.03 8.08
CA GLY D 84 -25.76 38.18 8.87
C GLY D 84 -24.86 39.37 8.56
N TYR D 85 -23.53 39.19 8.64
CA TYR D 85 -22.62 40.27 8.36
C TYR D 85 -22.82 40.90 6.97
N TYR D 86 -23.16 40.12 5.96
CA TYR D 86 -23.37 40.62 4.61
C TYR D 86 -24.84 40.74 4.26
N ASN D 87 -25.72 40.43 5.21
CA ASN D 87 -27.15 40.49 4.96
C ASN D 87 -27.54 39.63 3.77
N GLN D 88 -27.19 38.33 3.79
CA GLN D 88 -27.53 37.46 2.66
C GLN D 88 -28.65 36.49 3.03
N SER D 89 -29.29 35.91 2.02
CA SER D 89 -30.36 34.95 2.23
C SER D 89 -29.82 33.62 2.76
N LYS D 90 -30.70 32.86 3.41
CA LYS D 90 -30.34 31.54 3.93
C LYS D 90 -30.41 30.49 2.84
N GLY D 91 -30.99 30.83 1.69
CA GLY D 91 -31.13 29.93 0.57
C GLY D 91 -29.98 29.92 -0.40
N GLY D 92 -28.88 30.60 -0.10
CA GLY D 92 -27.73 30.63 -1.01
C GLY D 92 -26.57 29.80 -0.47
N SER D 93 -25.79 29.23 -1.38
CA SER D 93 -24.63 28.41 -1.04
C SER D 93 -23.40 29.31 -0.97
N HIS D 94 -22.71 29.27 0.15
CA HIS D 94 -21.53 30.10 0.34
C HIS D 94 -20.34 29.25 0.79
N THR D 95 -19.15 29.70 0.45
CA THR D 95 -17.91 29.02 0.70
C THR D 95 -16.94 29.81 1.58
N ILE D 96 -16.47 29.14 2.62
CA ILE D 96 -15.44 29.68 3.50
C ILE D 96 -14.21 28.77 3.34
N GLN D 97 -13.05 29.38 3.16
CA GLN D 97 -11.81 28.62 3.00
C GLN D 97 -10.72 29.19 3.92
N VAL D 98 -9.84 28.33 4.41
CA VAL D 98 -8.74 28.75 5.26
C VAL D 98 -7.43 28.11 4.78
N ILE D 99 -6.36 28.84 5.01
CA ILE D 99 -4.99 28.38 4.83
C ILE D 99 -4.30 28.68 6.18
N SER D 100 -3.98 27.60 6.89
CA SER D 100 -3.38 27.64 8.21
C SER D 100 -2.15 26.76 8.29
N GLY D 101 -1.03 27.32 8.77
CA GLY D 101 0.18 26.53 8.87
C GLY D 101 1.46 27.33 8.97
N CYS D 102 2.59 26.62 8.81
CA CYS D 102 3.90 27.19 9.00
C CYS D 102 4.90 26.77 7.94
N GLU D 103 5.90 27.64 7.78
CA GLU D 103 7.04 27.39 6.93
C GLU D 103 8.30 27.56 7.79
N VAL D 104 9.11 26.52 7.93
CA VAL D 104 10.30 26.61 8.78
C VAL D 104 11.56 26.48 7.94
N GLY D 105 12.64 27.10 8.39
CA GLY D 105 13.90 27.01 7.63
C GLY D 105 14.66 25.75 7.99
N SER D 106 15.86 25.62 7.41
CA SER D 106 16.74 24.49 7.67
C SER D 106 17.15 24.41 9.14
N ASP D 107 17.33 25.58 9.75
CA ASP D 107 17.70 25.71 11.14
C ASP D 107 16.55 25.37 12.07
N GLY D 108 15.36 25.14 11.53
CA GLY D 108 14.21 24.80 12.36
C GLY D 108 13.48 26.03 12.83
N ARG D 109 13.79 27.20 12.28
CA ARG D 109 13.09 28.40 12.72
C ARG D 109 11.97 28.79 11.79
N LEU D 110 10.90 29.33 12.37
CA LEU D 110 9.74 29.75 11.60
C LEU D 110 10.13 30.84 10.59
N LEU D 111 9.82 30.62 9.33
CA LEU D 111 10.14 31.65 8.33
C LEU D 111 8.87 32.49 8.12
N ARG D 112 7.75 31.79 8.27
CA ARG D 112 6.46 32.42 8.03
C ARG D 112 5.29 31.57 8.52
N GLY D 113 4.30 32.22 9.11
CA GLY D 113 3.12 31.51 9.60
C GLY D 113 1.87 32.00 8.89
N TYR D 114 0.92 31.12 8.60
CA TYR D 114 -0.27 31.49 7.89
C TYR D 114 -1.54 31.19 8.68
N GLN D 115 -2.51 32.06 8.55
CA GLN D 115 -3.84 31.97 9.08
C GLN D 115 -4.71 32.97 8.28
N GLN D 116 -5.14 32.50 7.11
CA GLN D 116 -5.91 33.32 6.21
C GLN D 116 -7.26 32.71 5.86
N TYR D 117 -8.28 33.55 5.91
CA TYR D 117 -9.65 33.15 5.63
C TYR D 117 -10.14 33.82 4.34
N ALA D 118 -11.01 33.13 3.63
CA ALA D 118 -11.65 33.62 2.43
C ALA D 118 -13.14 33.27 2.51
N TYR D 119 -13.93 34.19 1.97
CA TYR D 119 -15.37 34.04 1.90
C TYR D 119 -15.77 34.15 0.43
N ASP D 120 -16.47 33.15 -0.09
CA ASP D 120 -16.89 33.17 -1.48
C ASP D 120 -15.80 33.47 -2.48
N GLY D 121 -14.59 32.94 -2.27
CA GLY D 121 -13.47 33.10 -3.15
C GLY D 121 -12.64 34.35 -2.97
N CYS D 122 -12.96 35.21 -2.02
CA CYS D 122 -12.21 36.44 -1.82
C CYS D 122 -11.64 36.53 -0.41
N ASP D 123 -10.44 37.12 -0.32
CA ASP D 123 -9.81 37.28 0.98
C ASP D 123 -10.82 37.87 1.98
N TYR D 124 -10.73 37.39 3.21
CA TYR D 124 -11.60 37.86 4.28
C TYR D 124 -10.75 38.54 5.35
N ILE D 125 -9.88 37.78 5.99
CA ILE D 125 -8.99 38.32 7.01
C ILE D 125 -7.73 37.46 7.11
N ALA D 126 -6.59 38.02 7.49
CA ALA D 126 -5.38 37.20 7.55
C ALA D 126 -4.47 37.62 8.68
N LEU D 127 -3.72 36.68 9.25
CA LEU D 127 -2.74 37.05 10.29
C LEU D 127 -1.55 37.68 9.58
N ASN D 128 -1.09 38.85 10.00
CA ASN D 128 0.04 39.44 9.26
C ASN D 128 1.35 38.74 9.60
N GLU D 129 2.37 39.05 8.80
CA GLU D 129 3.71 38.54 8.92
C GLU D 129 4.23 38.61 10.37
N ASP D 130 3.94 39.70 11.05
CA ASP D 130 4.35 39.91 12.42
C ASP D 130 3.80 38.87 13.36
N LEU D 131 2.70 38.22 13.00
CA LEU D 131 2.05 37.24 13.85
C LEU D 131 1.49 37.97 15.08
N LYS D 132 1.12 39.24 14.89
CA LYS D 132 0.59 40.06 15.96
C LYS D 132 -0.65 40.85 15.57
N THR D 133 -0.76 41.22 14.28
CA THR D 133 -1.92 41.98 13.85
C THR D 133 -2.65 41.29 12.71
N TRP D 134 -3.89 41.69 12.44
CA TRP D 134 -4.73 41.13 11.41
C TRP D 134 -5.00 42.10 10.26
N THR D 135 -5.19 41.56 9.06
CA THR D 135 -5.48 42.35 7.88
C THR D 135 -6.92 42.01 7.44
N ALA D 136 -7.85 42.90 7.74
CA ALA D 136 -9.24 42.72 7.33
C ALA D 136 -9.38 43.24 5.90
N ALA D 137 -10.03 42.47 5.04
CA ALA D 137 -10.22 42.83 3.66
C ALA D 137 -11.46 43.68 3.44
N ASP D 138 -12.33 43.79 4.44
CA ASP D 138 -13.54 44.59 4.26
C ASP D 138 -14.23 44.90 5.58
N MET D 139 -15.43 45.46 5.46
CA MET D 139 -16.24 45.84 6.60
C MET D 139 -16.67 44.67 7.45
N ALA D 140 -17.07 43.58 6.79
CA ALA D 140 -17.50 42.39 7.50
C ALA D 140 -16.35 41.87 8.35
N ALA D 141 -15.16 41.78 7.74
CA ALA D 141 -13.96 41.34 8.41
C ALA D 141 -13.48 42.22 9.54
N LEU D 142 -13.91 43.48 9.64
CA LEU D 142 -13.49 44.33 10.76
C LEU D 142 -14.11 43.84 12.07
N ILE D 143 -15.35 43.37 11.97
CA ILE D 143 -16.08 42.84 13.11
C ILE D 143 -15.26 41.71 13.72
N THR D 144 -14.94 40.73 12.87
CA THR D 144 -14.13 39.59 13.28
C THR D 144 -12.79 40.09 13.84
N LYS D 145 -12.20 41.08 13.19
CA LYS D 145 -10.92 41.61 13.64
C LYS D 145 -11.00 42.23 15.02
N HIS D 146 -12.00 43.07 15.29
CA HIS D 146 -12.12 43.66 16.63
C HIS D 146 -12.24 42.51 17.64
N LYS D 147 -13.11 41.55 17.31
CA LYS D 147 -13.33 40.38 18.15
C LYS D 147 -12.03 39.65 18.43
N TRP D 148 -11.23 39.37 17.40
CA TRP D 148 -9.97 38.67 17.56
C TRP D 148 -8.89 39.41 18.32
N GLU D 149 -8.88 40.74 18.26
CA GLU D 149 -7.93 41.53 19.02
C GLU D 149 -8.29 41.40 20.51
N GLN D 150 -9.57 41.50 20.80
CA GLN D 150 -10.12 41.40 22.15
C GLN D 150 -9.81 40.07 22.81
N ALA D 151 -9.94 38.97 22.09
CA ALA D 151 -9.68 37.64 22.63
C ALA D 151 -8.23 37.22 22.55
N GLY D 152 -7.32 38.05 22.09
CA GLY D 152 -5.93 37.69 21.94
C GLY D 152 -5.68 36.57 20.94
N GLU D 153 -6.46 36.48 19.86
CA GLU D 153 -6.29 35.39 18.90
C GLU D 153 -4.91 35.32 18.28
N ALA D 154 -4.28 36.42 17.90
CA ALA D 154 -2.94 36.40 17.33
C ALA D 154 -1.92 35.68 18.21
N GLU D 155 -2.04 35.82 19.51
CA GLU D 155 -1.15 35.17 20.46
C GLU D 155 -1.42 33.69 20.54
N ARG D 156 -2.68 33.27 20.39
CA ARG D 156 -2.98 31.84 20.38
C ARG D 156 -2.32 31.17 19.17
N LEU D 157 -2.40 31.83 18.02
CA LEU D 157 -1.83 31.34 16.79
C LEU D 157 -0.32 31.33 16.82
N ARG D 158 0.25 32.40 17.38
CA ARG D 158 1.71 32.47 17.50
C ARG D 158 2.20 31.24 18.25
N ALA D 159 1.53 30.91 19.35
CA ALA D 159 1.91 29.73 20.13
C ALA D 159 1.75 28.45 19.33
N TYR D 160 0.65 28.32 18.57
CA TYR D 160 0.45 27.14 17.76
C TYR D 160 1.53 27.03 16.67
N LEU D 161 1.75 28.14 15.98
CA LEU D 161 2.69 28.20 14.87
C LEU D 161 4.11 27.86 15.26
N GLU D 162 4.63 28.52 16.29
CA GLU D 162 5.95 28.31 16.82
C GLU D 162 6.07 27.02 17.62
N GLY D 163 4.97 26.52 18.16
CA GLY D 163 4.99 25.30 18.96
C GLY D 163 4.63 24.04 18.20
N THR D 164 3.34 23.69 18.24
CA THR D 164 2.83 22.50 17.62
C THR D 164 3.13 22.37 16.16
N CYS D 165 2.85 23.43 15.38
CA CYS D 165 3.10 23.34 13.94
C CYS D 165 4.54 22.91 13.67
N VAL D 166 5.48 23.71 14.15
CA VAL D 166 6.90 23.41 13.93
C VAL D 166 7.25 22.00 14.37
N GLU D 167 6.94 21.67 15.62
CA GLU D 167 7.21 20.37 16.18
C GLU D 167 6.60 19.22 15.39
N TRP D 168 5.33 19.33 14.95
CA TRP D 168 4.78 18.22 14.18
C TRP D 168 5.35 18.15 12.79
N LEU D 169 5.82 19.29 12.22
CA LEU D 169 6.46 19.25 10.91
C LEU D 169 7.75 18.43 10.98
N ARG D 170 8.57 18.60 12.02
CA ARG D 170 9.80 17.81 12.13
C ARG D 170 9.47 16.31 12.15
N ARG D 171 8.48 15.95 12.96
CA ARG D 171 8.03 14.56 13.03
C ARG D 171 7.58 14.09 11.66
N TYR D 172 6.67 14.81 11.00
CA TYR D 172 6.23 14.39 9.67
C TYR D 172 7.41 14.27 8.71
N LEU D 173 8.36 15.21 8.78
CA LEU D 173 9.55 15.08 7.92
C LEU D 173 10.29 13.81 8.29
N LYS D 174 10.47 13.57 9.59
CA LYS D 174 11.16 12.36 10.03
C LYS D 174 10.60 11.11 9.35
N ASN D 175 9.31 10.85 9.48
CA ASN D 175 8.65 9.68 8.94
C ASN D 175 8.48 9.60 7.45
N GLY D 176 8.32 10.69 6.71
CA GLY D 176 8.14 10.63 5.27
C GLY D 176 9.38 10.91 4.46
N ASN D 177 10.39 11.50 5.06
CA ASN D 177 11.65 11.90 4.52
C ASN D 177 12.16 11.26 3.25
N ALA D 178 12.39 9.94 3.23
CA ALA D 178 12.89 9.26 2.05
C ALA D 178 11.84 9.02 0.99
N THR D 179 10.57 9.22 1.33
CA THR D 179 9.47 9.09 0.38
C THR D 179 9.14 10.49 -0.16
N LEU D 180 9.49 11.49 0.65
CA LEU D 180 9.25 12.89 0.38
C LEU D 180 10.32 13.61 -0.41
N LEU D 181 11.57 13.18 -0.35
CA LEU D 181 12.65 13.84 -1.07
C LEU D 181 12.77 13.36 -2.50
N ARG D 182 11.90 12.44 -2.87
CA ARG D 182 11.78 11.86 -4.19
C ARG D 182 11.91 12.93 -5.26
N THR D 183 12.58 12.52 -6.34
CA THR D 183 12.79 13.43 -7.47
C THR D 183 12.67 12.59 -8.72
N ASP D 184 11.75 12.98 -9.61
CA ASP D 184 11.56 12.26 -10.86
C ASP D 184 11.92 13.21 -12.00
N SER D 185 13.00 12.86 -12.68
CA SER D 185 13.49 13.67 -13.79
C SER D 185 12.60 13.46 -15.01
N PRO D 186 12.43 14.54 -15.74
CA PRO D 186 11.62 14.60 -16.93
C PRO D 186 12.28 13.94 -18.14
N LYS D 187 11.47 13.19 -18.86
CA LYS D 187 11.92 12.59 -20.13
C LYS D 187 11.37 13.56 -21.20
N ALA D 188 12.24 14.16 -21.99
CA ALA D 188 11.78 15.13 -22.97
C ALA D 188 11.83 14.62 -24.39
N HIS D 189 11.08 15.26 -25.28
CA HIS D 189 11.05 14.89 -26.68
C HIS D 189 10.33 15.96 -27.48
N VAL D 190 10.63 16.06 -28.76
CA VAL D 190 10.03 17.07 -29.63
C VAL D 190 9.14 16.44 -30.67
N THR D 191 7.95 17.01 -30.87
CA THR D 191 7.04 16.51 -31.89
C THR D 191 6.90 17.55 -33.01
N HIS D 192 6.53 17.06 -34.19
CA HIS D 192 6.41 17.88 -35.38
C HIS D 192 5.03 17.82 -36.00
N HIS D 193 4.42 19.01 -36.10
CA HIS D 193 3.10 19.17 -36.67
C HIS D 193 3.10 20.16 -37.81
N SER D 194 2.30 19.79 -38.79
CA SER D 194 2.13 20.57 -40.00
C SER D 194 0.72 20.36 -40.56
N ARG D 195 0.14 21.47 -40.92
CA ARG D 195 -1.16 21.47 -41.65
C ARG D 195 -0.69 22.13 -42.94
N PRO D 196 -0.84 21.51 -44.08
CA PRO D 196 -0.31 22.01 -45.32
C PRO D 196 -0.24 23.50 -45.49
N GLU D 197 0.88 24.07 -45.07
CA GLU D 197 1.28 25.46 -45.13
C GLU D 197 2.83 25.49 -45.16
N ASP D 198 3.41 26.69 -45.22
CA ASP D 198 4.87 26.76 -45.19
C ASP D 198 5.42 26.98 -43.79
N LYS D 199 4.61 26.70 -42.78
CA LYS D 199 4.98 26.81 -41.39
C LYS D 199 4.78 25.46 -40.70
N VAL D 200 5.57 25.22 -39.65
CA VAL D 200 5.46 24.01 -38.88
C VAL D 200 5.45 24.36 -37.38
N THR D 201 4.94 23.43 -36.59
CA THR D 201 4.88 23.55 -35.16
C THR D 201 5.80 22.47 -34.53
N LEU D 202 6.68 22.94 -33.66
CA LEU D 202 7.56 22.05 -32.90
C LEU D 202 7.05 22.12 -31.45
N ARG D 203 6.76 20.96 -30.88
CA ARG D 203 6.23 20.86 -29.54
C ARG D 203 7.19 20.08 -28.66
N CYS D 204 7.69 20.77 -27.64
CA CYS D 204 8.65 20.18 -26.72
C CYS D 204 7.92 19.64 -25.50
N TRP D 205 8.03 18.35 -25.30
CA TRP D 205 7.37 17.65 -24.21
C TRP D 205 8.27 17.23 -23.06
N ALA D 206 7.76 17.38 -21.84
CA ALA D 206 8.45 16.96 -20.63
C ALA D 206 7.44 16.01 -19.93
N LEU D 207 7.79 14.74 -19.81
CA LEU D 207 6.92 13.76 -19.19
C LEU D 207 7.54 13.08 -17.98
N GLY D 208 6.70 12.47 -17.15
CA GLY D 208 7.03 11.75 -15.97
C GLY D 208 7.94 12.43 -14.98
N PHE D 209 7.75 13.72 -14.70
CA PHE D 209 8.60 14.41 -13.74
C PHE D 209 7.88 14.73 -12.44
N TYR D 210 8.66 14.87 -11.38
CA TYR D 210 8.22 15.18 -10.05
C TYR D 210 9.38 15.77 -9.24
N PRO D 211 9.14 16.86 -8.55
CA PRO D 211 7.89 17.58 -8.49
C PRO D 211 7.47 18.30 -9.77
N ALA D 212 6.31 18.95 -9.69
CA ALA D 212 5.68 19.68 -10.75
C ALA D 212 6.46 20.87 -11.29
N ASP D 213 7.23 21.51 -10.45
CA ASP D 213 8.02 22.69 -10.78
C ASP D 213 8.92 22.40 -11.98
N ILE D 214 8.80 23.20 -13.05
CA ILE D 214 9.61 22.98 -14.25
C ILE D 214 9.62 24.20 -15.15
N THR D 215 10.63 24.32 -16.00
CA THR D 215 10.75 25.43 -16.94
C THR D 215 11.06 24.92 -18.35
N LEU D 216 10.29 25.36 -19.34
CA LEU D 216 10.53 24.94 -20.72
C LEU D 216 10.76 26.17 -21.61
N THR D 217 11.85 26.17 -22.38
CA THR D 217 12.08 27.27 -23.29
C THR D 217 12.39 26.79 -24.72
N TRP D 218 12.15 27.72 -25.63
CA TRP D 218 12.44 27.53 -27.04
C TRP D 218 13.48 28.63 -27.36
N GLN D 219 14.57 28.23 -28.01
CA GLN D 219 15.59 29.22 -28.33
C GLN D 219 15.86 29.19 -29.84
N LEU D 220 15.99 30.38 -30.40
CA LEU D 220 16.33 30.54 -31.81
C LEU D 220 17.79 31.06 -31.67
N ASN D 221 18.65 30.05 -31.70
CA ASN D 221 20.08 30.23 -31.53
C ASN D 221 20.41 31.30 -30.50
N GLY D 222 20.48 30.88 -29.23
CA GLY D 222 20.79 31.77 -28.15
C GLY D 222 19.69 32.63 -27.60
N GLU D 223 18.70 33.06 -28.36
CA GLU D 223 17.63 33.90 -27.81
C GLU D 223 16.37 33.13 -27.45
N GLU D 224 15.89 33.30 -26.22
CA GLU D 224 14.66 32.63 -25.77
C GLU D 224 13.44 33.31 -26.37
N LEU D 225 12.58 32.56 -27.04
CA LEU D 225 11.38 33.10 -27.67
C LEU D 225 10.17 32.94 -26.74
N ILE D 226 10.12 33.72 -25.67
CA ILE D 226 9.03 33.62 -24.71
C ILE D 226 7.74 34.24 -25.23
N GLN D 227 7.91 35.32 -26.01
CA GLN D 227 6.77 36.01 -26.56
C GLN D 227 6.14 35.29 -27.73
N ASP D 228 6.89 34.48 -28.47
CA ASP D 228 6.30 33.78 -29.63
C ASP D 228 6.04 32.31 -29.37
N MET D 229 6.02 31.93 -28.11
CA MET D 229 5.80 30.55 -27.69
C MET D 229 4.41 30.30 -27.16
N GLU D 230 3.95 29.06 -27.31
CA GLU D 230 2.65 28.65 -26.78
C GLU D 230 2.97 27.56 -25.73
N LEU D 231 2.34 27.62 -24.57
CA LEU D 231 2.62 26.59 -23.56
C LEU D 231 1.43 26.29 -22.68
N VAL D 232 1.44 25.11 -22.07
CA VAL D 232 0.34 24.70 -21.23
C VAL D 232 0.72 24.69 -19.76
N GLU D 233 -0.33 24.90 -18.94
CA GLU D 233 -0.09 24.87 -17.49
C GLU D 233 0.29 23.43 -17.16
N THR D 234 1.24 23.27 -16.25
CA THR D 234 1.69 21.93 -15.84
C THR D 234 0.51 21.11 -15.37
N ARG D 235 0.47 19.83 -15.76
CA ARG D 235 -0.68 18.98 -15.44
C ARG D 235 -0.25 17.59 -15.00
N PRO D 236 -1.08 16.97 -14.18
CA PRO D 236 -0.88 15.66 -13.64
C PRO D 236 -1.18 14.53 -14.60
N ALA D 237 -0.25 13.59 -14.69
CA ALA D 237 -0.45 12.39 -15.50
C ALA D 237 -1.53 11.53 -14.85
N GLY D 238 -1.70 11.68 -13.54
CA GLY D 238 -2.70 10.94 -12.81
C GLY D 238 -2.06 9.74 -12.11
N ASP D 239 -0.75 9.59 -12.28
CA ASP D 239 -0.04 8.47 -11.65
C ASP D 239 0.95 9.00 -10.63
N GLY D 240 0.93 10.30 -10.34
CA GLY D 240 1.87 10.85 -9.37
C GLY D 240 2.87 11.80 -10.03
N THR D 241 3.10 11.64 -11.33
CA THR D 241 4.04 12.49 -12.05
C THR D 241 3.35 13.57 -12.86
N PHE D 242 4.11 14.54 -13.35
CA PHE D 242 3.57 15.65 -14.11
C PHE D 242 3.92 15.64 -15.58
N GLN D 243 3.34 16.55 -16.35
CA GLN D 243 3.53 16.69 -17.78
C GLN D 243 3.49 18.18 -18.19
N LYS D 244 4.21 18.53 -19.25
CA LYS D 244 4.16 19.92 -19.72
C LYS D 244 4.68 19.97 -21.17
N TRP D 245 4.27 20.97 -21.94
CA TRP D 245 4.74 21.13 -23.31
C TRP D 245 4.79 22.62 -23.69
N ALA D 246 5.73 22.95 -24.54
CA ALA D 246 5.92 24.31 -25.06
C ALA D 246 6.08 24.16 -26.58
N SER D 247 5.34 24.97 -27.33
CA SER D 247 5.41 24.87 -28.78
C SER D 247 5.75 26.20 -29.43
N VAL D 248 6.24 26.07 -30.67
CA VAL D 248 6.60 27.30 -31.41
C VAL D 248 6.30 27.09 -32.87
N VAL D 249 5.97 28.13 -33.62
CA VAL D 249 5.68 27.98 -35.05
C VAL D 249 6.91 28.46 -35.81
N VAL D 250 7.52 27.61 -36.62
CA VAL D 250 8.75 28.00 -37.33
C VAL D 250 8.60 27.76 -38.82
N PRO D 251 9.42 28.39 -39.64
CA PRO D 251 9.39 28.24 -41.08
C PRO D 251 9.70 26.81 -41.50
N LEU D 252 8.99 26.37 -42.53
CA LEU D 252 9.23 25.02 -43.06
C LEU D 252 10.70 24.96 -43.50
N GLY D 253 11.40 23.94 -43.01
CA GLY D 253 12.79 23.78 -43.38
C GLY D 253 13.74 24.34 -42.35
N LYS D 254 13.29 25.09 -41.35
CA LYS D 254 14.26 25.65 -40.39
C LYS D 254 14.19 25.01 -39.01
N GLU D 255 13.65 23.81 -38.93
CA GLU D 255 13.47 23.04 -37.72
C GLU D 255 14.74 22.87 -36.91
N GLN D 256 15.86 22.67 -37.59
CA GLN D 256 17.14 22.48 -36.95
C GLN D 256 17.82 23.75 -36.45
N TYR D 257 17.21 24.91 -36.58
CA TYR D 257 17.79 26.15 -36.06
C TYR D 257 17.19 26.42 -34.68
N TYR D 258 16.27 25.58 -34.20
CA TYR D 258 15.62 25.80 -32.92
C TYR D 258 15.97 24.75 -31.88
N THR D 259 16.08 25.22 -30.63
CA THR D 259 16.42 24.31 -29.52
C THR D 259 15.44 24.43 -28.37
N CYS D 260 15.13 23.29 -27.76
CA CYS D 260 14.22 23.33 -26.61
C CYS D 260 15.04 23.12 -25.33
N HIS D 261 14.76 23.90 -24.30
CA HIS D 261 15.49 23.77 -23.03
C HIS D 261 14.58 23.46 -21.86
N VAL D 262 14.89 22.37 -21.16
CA VAL D 262 14.12 21.91 -20.01
C VAL D 262 14.88 22.10 -18.69
N TYR D 263 14.46 23.06 -17.87
CA TYR D 263 15.10 23.30 -16.58
C TYR D 263 14.31 22.67 -15.44
N HIS D 264 14.92 21.74 -14.73
CA HIS D 264 14.23 21.09 -13.59
C HIS D 264 15.22 20.72 -12.50
N GLN D 265 14.73 20.56 -11.27
CA GLN D 265 15.55 20.22 -10.13
C GLN D 265 16.10 18.81 -10.09
N GLY D 266 15.60 17.86 -10.86
CA GLY D 266 16.15 16.50 -10.86
C GLY D 266 17.18 16.35 -11.98
N LEU D 267 17.43 17.47 -12.67
CA LEU D 267 18.39 17.48 -13.76
C LEU D 267 19.74 18.02 -13.25
N PRO D 268 20.78 17.20 -13.38
CA PRO D 268 22.14 17.61 -13.07
C PRO D 268 22.38 18.90 -13.89
N GLU D 269 22.19 18.71 -15.20
CA GLU D 269 22.31 19.75 -16.20
C GLU D 269 21.03 19.76 -17.05
N PRO D 270 20.51 20.94 -17.32
CA PRO D 270 19.33 21.18 -18.10
C PRO D 270 19.42 20.47 -19.47
N LEU D 271 18.25 20.05 -19.93
CA LEU D 271 18.13 19.36 -21.20
C LEU D 271 18.11 20.29 -22.41
N THR D 272 18.74 19.77 -23.46
CA THR D 272 18.82 20.49 -24.73
C THR D 272 18.38 19.52 -25.82
N LEU D 273 17.38 19.94 -26.60
CA LEU D 273 16.91 19.09 -27.67
C LEU D 273 16.40 19.89 -28.88
N ARG D 274 16.32 19.17 -29.98
CA ARG D 274 15.84 19.67 -31.25
C ARG D 274 15.00 18.56 -31.93
N TRP D 275 14.26 18.99 -32.94
CA TRP D 275 13.46 18.06 -33.72
C TRP D 275 14.40 17.05 -34.40
N GLU D 276 13.97 15.82 -34.29
CA GLU D 276 14.71 14.66 -34.81
C GLU D 276 13.76 13.80 -35.62
N PRO D 277 13.76 13.96 -36.93
CA PRO D 277 12.91 13.16 -37.80
C PRO D 277 13.26 11.70 -37.51
N PRO D 278 12.28 10.84 -37.40
CA PRO D 278 12.47 9.42 -37.14
C PRO D 278 13.36 8.83 -38.24
N PRO D 279 13.98 7.68 -37.79
CA PRO D 279 14.89 7.02 -38.74
C PRO D 279 14.35 7.04 -40.17
N LYS E 1 -0.38 18.43 12.70
CA LYS E 1 -1.62 18.67 13.48
C LYS E 1 -2.26 20.03 13.18
N VAL E 2 -3.53 19.98 12.82
CA VAL E 2 -4.28 21.21 12.52
C VAL E 2 -4.62 21.94 13.81
N ILE E 3 -4.78 23.26 13.70
CA ILE E 3 -5.12 24.08 14.87
C ILE E 3 -6.63 23.93 15.09
N THR E 4 -7.12 24.40 16.20
CA THR E 4 -8.55 24.42 16.51
C THR E 4 -9.03 25.82 16.14
N PHE E 5 -10.01 25.93 15.27
CA PHE E 5 -10.48 27.23 14.82
C PHE E 5 -11.53 27.84 15.75
N ILE E 6 -11.50 29.17 15.87
CA ILE E 6 -12.50 29.88 16.68
C ILE E 6 -13.50 30.54 15.72
N ASP E 7 -14.58 31.08 16.24
CA ASP E 7 -15.59 31.73 15.44
C ASP E 7 -15.18 33.11 14.90
N LEU E 8 -15.65 33.36 13.68
CA LEU E 8 -15.49 34.60 12.95
C LEU E 8 -16.44 35.67 13.53
N ILE F 1 -17.34 36.65 -5.79
CA ILE F 1 -16.64 36.66 -7.12
C ILE F 1 -16.50 35.27 -7.73
N GLN F 2 -17.04 35.06 -8.92
CA GLN F 2 -16.93 33.75 -9.56
C GLN F 2 -15.79 33.67 -10.57
N LYS F 3 -15.18 32.48 -10.67
CA LYS F 3 -14.08 32.22 -11.57
C LYS F 3 -14.40 31.06 -12.51
N THR F 4 -14.12 31.30 -13.78
CA THR F 4 -14.33 30.38 -14.87
C THR F 4 -13.30 29.27 -14.94
N PRO F 5 -13.77 28.05 -15.09
CA PRO F 5 -12.93 26.88 -15.14
C PRO F 5 -12.00 26.89 -16.35
N GLN F 6 -10.79 26.36 -16.17
CA GLN F 6 -9.85 26.26 -17.31
C GLN F 6 -9.79 24.75 -17.54
N ILE F 7 -9.87 24.26 -18.77
CA ILE F 7 -9.86 22.81 -18.97
C ILE F 7 -8.75 22.31 -19.88
N GLN F 8 -8.27 21.10 -19.69
CA GLN F 8 -7.25 20.49 -20.52
C GLN F 8 -7.66 19.02 -20.67
N VAL F 9 -7.70 18.46 -21.85
CA VAL F 9 -8.07 17.05 -22.01
C VAL F 9 -6.84 16.36 -22.64
N TYR F 10 -6.33 15.32 -22.04
CA TYR F 10 -5.13 14.66 -22.52
C TYR F 10 -5.01 13.24 -21.97
N SER F 11 -4.17 12.42 -22.61
CA SER F 11 -3.99 11.05 -22.15
C SER F 11 -2.83 10.98 -21.16
N ARG F 12 -2.89 9.98 -20.28
CA ARG F 12 -1.84 9.79 -19.30
C ARG F 12 -0.55 9.41 -20.03
N HIS F 13 -0.72 8.51 -20.99
CA HIS F 13 0.39 8.04 -21.79
C HIS F 13 0.21 8.54 -23.22
N PRO F 14 1.28 8.49 -23.96
CA PRO F 14 1.32 8.88 -25.37
C PRO F 14 0.38 7.90 -26.09
N PRO F 15 -0.54 8.42 -26.88
CA PRO F 15 -1.56 7.67 -27.57
C PRO F 15 -1.11 6.75 -28.67
N GLU F 16 -1.52 5.49 -28.56
CA GLU F 16 -1.23 4.44 -29.54
C GLU F 16 -2.57 3.78 -29.90
N ASN F 17 -3.02 3.88 -31.14
CA ASN F 17 -4.30 3.28 -31.53
C ASN F 17 -4.38 1.81 -31.15
N GLY F 18 -5.45 1.42 -30.48
CA GLY F 18 -5.66 0.06 -30.05
C GLY F 18 -4.93 -0.34 -28.79
N LYS F 19 -4.31 0.60 -28.09
CA LYS F 19 -3.59 0.27 -26.87
C LYS F 19 -4.17 1.01 -25.68
N PRO F 20 -4.65 0.26 -24.71
CA PRO F 20 -5.24 0.76 -23.49
C PRO F 20 -4.44 1.92 -22.90
N ASN F 21 -5.20 2.88 -22.38
CA ASN F 21 -4.61 4.10 -21.83
C ASN F 21 -5.62 4.74 -20.88
N ILE F 22 -5.29 5.94 -20.41
CA ILE F 22 -6.17 6.69 -19.53
C ILE F 22 -6.35 8.09 -20.12
N LEU F 23 -7.58 8.55 -20.15
CA LEU F 23 -7.86 9.90 -20.64
C LEU F 23 -8.23 10.78 -19.44
N ASN F 24 -7.61 11.94 -19.35
CA ASN F 24 -7.83 12.88 -18.27
C ASN F 24 -8.50 14.18 -18.75
N CYS F 25 -9.23 14.78 -17.83
CA CYS F 25 -9.91 16.05 -18.01
C CYS F 25 -9.61 16.80 -16.69
N TYR F 26 -8.62 17.66 -16.78
CA TYR F 26 -8.12 18.46 -15.68
C TYR F 26 -8.78 19.81 -15.62
N VAL F 27 -9.56 20.08 -14.56
CA VAL F 27 -10.27 21.35 -14.40
C VAL F 27 -9.74 22.17 -13.23
N THR F 28 -9.27 23.37 -13.53
CA THR F 28 -8.67 24.29 -12.58
C THR F 28 -9.28 25.69 -12.68
N GLN F 29 -8.83 26.58 -11.79
CA GLN F 29 -9.22 27.96 -11.74
C GLN F 29 -10.67 28.32 -11.58
N PHE F 30 -11.47 27.51 -10.89
CA PHE F 30 -12.88 27.78 -10.74
C PHE F 30 -13.32 28.02 -9.31
N HIS F 31 -14.48 28.63 -9.18
CA HIS F 31 -15.10 28.98 -7.91
C HIS F 31 -16.48 29.54 -8.24
N PRO F 32 -17.52 29.05 -7.60
CA PRO F 32 -17.56 28.11 -6.52
C PRO F 32 -17.09 26.71 -6.85
N PRO F 33 -16.95 25.85 -5.85
CA PRO F 33 -16.49 24.49 -5.97
C PRO F 33 -17.42 23.52 -6.66
N HIS F 34 -18.73 23.83 -6.66
CA HIS F 34 -19.69 22.95 -7.29
C HIS F 34 -19.44 22.94 -8.80
N ILE F 35 -19.33 21.75 -9.36
CA ILE F 35 -19.09 21.69 -10.81
C ILE F 35 -19.55 20.36 -11.37
N GLU F 36 -19.93 20.37 -12.64
CA GLU F 36 -20.39 19.15 -13.31
C GLU F 36 -19.46 18.86 -14.49
N ILE F 37 -18.86 17.68 -14.47
CA ILE F 37 -17.91 17.23 -15.46
C ILE F 37 -18.35 15.92 -16.10
N GLN F 38 -18.36 15.85 -17.43
CA GLN F 38 -18.73 14.62 -18.13
C GLN F 38 -17.66 14.33 -19.19
N MET F 39 -17.42 13.08 -19.50
CA MET F 39 -16.45 12.75 -20.56
C MET F 39 -17.27 12.11 -21.67
N LEU F 40 -17.11 12.55 -22.90
CA LEU F 40 -17.88 12.03 -24.02
C LEU F 40 -17.05 11.30 -25.05
N LYS F 41 -17.65 10.27 -25.63
CA LYS F 41 -17.03 9.51 -26.70
C LYS F 41 -18.00 9.54 -27.89
N ASN F 42 -17.56 10.21 -28.95
CA ASN F 42 -18.37 10.36 -30.14
C ASN F 42 -19.70 11.03 -29.82
N GLY F 43 -19.69 12.01 -28.93
CA GLY F 43 -20.87 12.73 -28.54
C GLY F 43 -21.78 12.03 -27.54
N LYS F 44 -21.45 10.83 -27.10
CA LYS F 44 -22.23 10.10 -26.11
C LYS F 44 -21.49 10.10 -24.78
N LYS F 45 -22.19 10.32 -23.68
CA LYS F 45 -21.58 10.34 -22.35
C LYS F 45 -20.95 9.02 -21.95
N ILE F 46 -19.72 9.11 -21.44
CA ILE F 46 -18.98 7.95 -20.95
C ILE F 46 -19.42 7.72 -19.50
N PRO F 47 -19.92 6.53 -19.24
CA PRO F 47 -20.43 6.13 -17.95
C PRO F 47 -19.43 6.01 -16.82
N LYS F 48 -18.38 5.21 -16.91
CA LYS F 48 -17.44 5.07 -15.78
C LYS F 48 -16.36 6.13 -15.78
N VAL F 49 -16.60 7.22 -15.04
CA VAL F 49 -15.63 8.31 -14.99
C VAL F 49 -15.24 8.55 -13.53
N GLU F 50 -13.98 8.30 -13.18
CA GLU F 50 -13.51 8.51 -11.82
C GLU F 50 -13.18 10.00 -11.62
N MET F 51 -13.47 10.50 -10.44
CA MET F 51 -13.20 11.89 -10.11
C MET F 51 -12.17 11.93 -8.97
N SER F 52 -11.22 12.85 -9.00
CA SER F 52 -10.27 12.91 -7.88
C SER F 52 -10.91 13.72 -6.73
N ASP F 53 -10.29 13.68 -5.56
CA ASP F 53 -10.81 14.47 -4.43
C ASP F 53 -10.61 15.93 -4.82
N MET F 54 -11.49 16.83 -4.38
CA MET F 54 -11.26 18.22 -4.81
C MET F 54 -10.26 18.92 -3.91
N SER F 55 -9.51 19.86 -4.50
CA SER F 55 -8.55 20.63 -3.74
C SER F 55 -8.66 22.09 -4.19
N PHE F 56 -8.01 22.97 -3.41
CA PHE F 56 -8.01 24.38 -3.81
C PHE F 56 -6.58 24.88 -3.76
N SER F 57 -6.28 25.94 -4.51
CA SER F 57 -4.91 26.42 -4.51
C SER F 57 -4.76 27.70 -3.70
N LYS F 58 -3.55 28.24 -3.66
CA LYS F 58 -3.20 29.45 -2.94
C LYS F 58 -4.00 30.69 -3.32
N ASP F 59 -4.58 30.73 -4.52
CA ASP F 59 -5.38 31.85 -4.95
C ASP F 59 -6.86 31.58 -4.70
N TRP F 60 -7.16 30.54 -3.95
CA TRP F 60 -8.46 30.10 -3.52
C TRP F 60 -9.23 29.27 -4.55
N SER F 61 -8.85 29.37 -5.82
CA SER F 61 -9.52 28.61 -6.86
C SER F 61 -9.35 27.10 -6.63
N PHE F 62 -10.37 26.36 -7.03
CA PHE F 62 -10.43 24.91 -6.88
C PHE F 62 -9.93 24.23 -8.15
N TYR F 63 -9.57 22.96 -8.02
CA TYR F 63 -9.08 22.14 -9.12
C TYR F 63 -9.40 20.67 -8.86
N ILE F 64 -9.63 19.95 -9.96
CA ILE F 64 -9.97 18.52 -9.84
C ILE F 64 -9.55 17.78 -11.08
N LEU F 65 -9.32 16.48 -10.96
CA LEU F 65 -8.93 15.66 -12.11
C LEU F 65 -9.97 14.55 -12.34
N ALA F 66 -10.61 14.57 -13.49
CA ALA F 66 -11.59 13.53 -13.83
C ALA F 66 -10.88 12.59 -14.80
N HIS F 67 -11.07 11.28 -14.69
CA HIS F 67 -10.39 10.41 -15.66
C HIS F 67 -11.22 9.18 -16.00
N THR F 68 -10.84 8.58 -17.12
CA THR F 68 -11.50 7.36 -17.55
C THR F 68 -10.52 6.48 -18.32
N GLU F 69 -10.77 5.19 -18.37
CA GLU F 69 -9.92 4.26 -19.11
C GLU F 69 -10.43 4.26 -20.56
N PHE F 70 -9.52 4.15 -21.54
CA PHE F 70 -10.02 4.14 -22.93
C PHE F 70 -8.98 3.51 -23.84
N THR F 71 -9.42 3.14 -25.02
CA THR F 71 -8.51 2.57 -26.03
C THR F 71 -8.69 3.42 -27.28
N PRO F 72 -7.77 4.33 -27.49
CA PRO F 72 -7.79 5.26 -28.59
C PRO F 72 -7.78 4.56 -29.94
N THR F 73 -8.50 5.12 -30.90
CA THR F 73 -8.58 4.57 -32.25
C THR F 73 -8.37 5.75 -33.21
N GLU F 74 -8.11 5.41 -34.46
CA GLU F 74 -7.88 6.43 -35.46
C GLU F 74 -9.04 7.40 -35.57
N THR F 75 -10.28 6.94 -35.58
CA THR F 75 -11.41 7.83 -35.80
C THR F 75 -12.28 8.16 -34.62
N ASP F 76 -12.07 7.56 -33.43
CA ASP F 76 -12.95 7.91 -32.32
C ASP F 76 -12.66 9.31 -31.79
N THR F 77 -13.72 10.05 -31.48
CA THR F 77 -13.58 11.40 -30.97
C THR F 77 -13.91 11.42 -29.49
N TYR F 78 -13.14 12.16 -28.71
CA TYR F 78 -13.33 12.25 -27.27
C TYR F 78 -13.38 13.72 -26.86
N ALA F 79 -14.18 13.99 -25.82
CA ALA F 79 -14.26 15.37 -25.33
C ALA F 79 -14.62 15.36 -23.85
N CYS F 80 -14.50 16.52 -23.22
CA CYS F 80 -14.81 16.70 -21.82
C CYS F 80 -15.78 17.89 -21.74
N ARG F 81 -16.89 17.68 -21.05
CA ARG F 81 -17.89 18.75 -20.94
C ARG F 81 -17.99 19.20 -19.49
N VAL F 82 -17.96 20.52 -19.31
CA VAL F 82 -18.06 21.13 -18.01
C VAL F 82 -19.21 22.13 -17.86
N LYS F 83 -19.94 21.99 -16.76
CA LYS F 83 -21.03 22.91 -16.47
C LYS F 83 -20.64 23.70 -15.20
N HIS F 84 -20.68 25.02 -15.23
CA HIS F 84 -20.32 25.77 -14.01
C HIS F 84 -21.05 27.10 -13.95
N ASP F 85 -21.41 27.56 -12.75
CA ASP F 85 -22.13 28.80 -12.57
C ASP F 85 -21.50 30.01 -13.23
N SER F 86 -20.20 30.06 -13.44
CA SER F 86 -19.58 31.21 -14.10
C SER F 86 -19.86 31.22 -15.59
N MET F 87 -20.21 30.07 -16.17
CA MET F 87 -20.44 30.02 -17.59
C MET F 87 -21.89 30.05 -18.02
N ALA F 88 -22.17 30.86 -19.05
CA ALA F 88 -23.53 30.92 -19.60
C ALA F 88 -23.93 29.52 -20.07
N GLU F 89 -23.07 28.91 -20.90
CA GLU F 89 -23.37 27.55 -21.37
C GLU F 89 -22.24 26.60 -20.98
N PRO F 90 -22.55 25.32 -20.98
CA PRO F 90 -21.61 24.24 -20.73
C PRO F 90 -20.46 24.29 -21.74
N LYS F 91 -19.23 24.22 -21.24
CA LYS F 91 -18.07 24.24 -22.11
C LYS F 91 -17.61 22.84 -22.50
N THR F 92 -17.50 22.61 -23.81
CA THR F 92 -17.07 21.31 -24.32
C THR F 92 -15.65 21.46 -24.86
N VAL F 93 -14.72 20.66 -24.36
CA VAL F 93 -13.34 20.73 -24.85
C VAL F 93 -12.98 19.41 -25.50
N TYR F 94 -12.55 19.42 -26.76
CA TYR F 94 -12.23 18.18 -27.44
C TYR F 94 -10.81 17.70 -27.21
N TRP F 95 -10.63 16.38 -27.22
CA TRP F 95 -9.32 15.78 -27.07
C TRP F 95 -8.48 15.89 -28.33
N ASP F 96 -7.25 16.38 -28.18
CA ASP F 96 -6.32 16.46 -29.32
C ASP F 96 -5.12 15.57 -28.96
N ARG F 97 -4.86 14.52 -29.73
CA ARG F 97 -3.75 13.63 -29.48
C ARG F 97 -2.37 14.29 -29.50
N ASP F 98 -2.20 15.46 -30.07
CA ASP F 98 -0.91 16.14 -30.10
C ASP F 98 -0.83 17.21 -29.02
N MET F 99 -1.79 17.22 -28.09
CA MET F 99 -1.79 18.24 -27.05
C MET F 99 -1.98 17.74 -25.64
#